data_6ZK4
#
_entry.id   6ZK4
#
_cell.length_a   47.640
_cell.length_b   148.180
_cell.length_c   88.410
_cell.angle_alpha   90.000
_cell.angle_beta   102.710
_cell.angle_gamma   90.000
#
_symmetry.space_group_name_H-M   'P 1 21 1'
#
loop_
_entity.id
_entity.type
_entity.pdbx_description
1 polymer 'Pyrimidine-specific ribonucleoside hydrolase rihA'
2 non-polymer 'CALCIUM ION'
3 non-polymer ADENINE
4 non-polymer DI(HYDROXYETHYL)ETHER
5 non-polymer 1,2-ETHANEDIOL
6 water water
#
_entity_poly.entity_id   1
_entity_poly.type   'polypeptide(L)'
_entity_poly.pdbx_seq_one_letter_code
;MGSSHHHHHHSQDPNSSSMGQDGQQIRRDKLIIDTDPGIDDSMTILMAFRAPSVEIIGLTTIFGNVDTKGATRNALLLCE
RAGCPEVPVAEGSHEPLKGGKPRVADFVHGSDGIGNLFLPAPSAKKVEESAADFLINKVSEFPGEVSVLALGPLTNVALA
IKRDPSFASKVKKIVVLGGAFFAAGNVNPAAEANIHGDPEAADIVFTSGADIVVVGINITTQVCLTDEDLLELRNSKGKH
AAFLYEMCKFYRDWHAKSDGFHGIFLHDPVSFTAVLHPEYFTFKKGVVRVETQGICTGHTLMDQGLKKWNSENPWSGYKP
ISVAWTVDVPKVISFIKKLLMAP
;
_entity_poly.pdbx_strand_id   A,B,C,D
#
# COMPACT_ATOMS: atom_id res chain seq x y z
N ARG A 28 3.21 52.56 -5.92
CA ARG A 28 3.77 51.57 -4.99
C ARG A 28 2.89 50.33 -4.88
N ASP A 29 3.51 49.15 -5.05
CA ASP A 29 2.86 47.85 -4.94
C ASP A 29 2.86 47.40 -3.47
N LYS A 30 1.66 47.15 -2.92
CA LYS A 30 1.48 46.70 -1.53
C LYS A 30 1.98 45.26 -1.35
N LEU A 31 2.86 45.06 -0.38
CA LEU A 31 3.47 43.76 -0.14
C LEU A 31 3.47 43.36 1.33
N ILE A 32 3.09 42.10 1.59
CA ILE A 32 3.19 41.46 2.89
C ILE A 32 4.28 40.39 2.72
N ILE A 33 5.26 40.40 3.63
CA ILE A 33 6.32 39.39 3.62
C ILE A 33 6.04 38.40 4.76
N ASP A 34 5.76 37.12 4.42
CA ASP A 34 5.55 36.02 5.38
C ASP A 34 6.91 35.34 5.43
N THR A 35 7.54 35.40 6.60
CA THR A 35 8.95 35.06 6.72
C THR A 35 9.35 34.39 8.05
N ASP A 36 10.50 33.66 8.03
CA ASP A 36 11.08 33.03 9.22
C ASP A 36 12.54 33.58 9.40
N PRO A 37 12.74 34.91 9.61
CA PRO A 37 14.13 35.43 9.64
C PRO A 37 15.03 34.87 10.75
N GLY A 38 16.12 34.16 10.39
CA GLY A 38 16.55 33.84 9.03
C GLY A 38 17.50 34.86 8.40
N ILE A 39 18.67 34.38 7.94
CA ILE A 39 19.71 35.27 7.38
C ILE A 39 19.33 35.83 5.98
N ASP A 40 18.95 34.96 5.02
CA ASP A 40 18.56 35.45 3.71
C ASP A 40 17.25 36.19 3.75
N ASP A 41 16.34 35.82 4.70
CA ASP A 41 15.06 36.52 4.93
C ASP A 41 15.37 37.97 5.32
N SER A 42 16.32 38.14 6.25
CA SER A 42 16.74 39.46 6.77
C SER A 42 17.30 40.36 5.68
N MET A 43 18.16 39.82 4.80
CA MET A 43 18.72 40.52 3.63
C MET A 43 17.57 40.99 2.73
N THR A 44 16.58 40.08 2.46
CA THR A 44 15.39 40.36 1.64
C THR A 44 14.55 41.50 2.22
N ILE A 45 14.26 41.43 3.55
CA ILE A 45 13.44 42.46 4.22
C ILE A 45 14.12 43.83 4.14
N LEU A 46 15.44 43.90 4.44
CA LEU A 46 16.17 45.16 4.38
C LEU A 46 16.22 45.71 2.94
N MET A 47 16.31 44.82 1.93
CA MET A 47 16.29 45.18 0.49
C MET A 47 14.89 45.76 0.16
N ALA A 48 13.83 45.06 0.59
CA ALA A 48 12.43 45.45 0.36
C ALA A 48 12.11 46.82 0.94
N PHE A 49 12.67 47.14 2.15
CA PHE A 49 12.48 48.46 2.76
C PHE A 49 13.15 49.58 1.95
N ARG A 50 14.23 49.25 1.23
CA ARG A 50 14.99 50.22 0.41
C ARG A 50 14.46 50.33 -1.03
N ALA A 51 13.59 49.41 -1.47
CA ALA A 51 12.97 49.35 -2.81
C ALA A 51 11.85 50.40 -2.89
N PRO A 52 12.03 51.47 -3.70
CA PRO A 52 11.01 52.52 -3.76
C PRO A 52 9.64 52.12 -4.33
N SER A 53 9.62 51.18 -5.26
CA SER A 53 8.38 50.77 -5.91
C SER A 53 7.51 49.82 -5.07
N VAL A 54 7.98 49.45 -3.86
CA VAL A 54 7.31 48.54 -2.94
C VAL A 54 6.84 49.25 -1.67
N GLU A 55 5.60 48.96 -1.24
CA GLU A 55 5.08 49.43 0.05
C GLU A 55 4.90 48.19 0.96
N ILE A 56 5.77 48.01 1.97
CA ILE A 56 5.64 46.88 2.90
C ILE A 56 4.53 47.25 3.91
N ILE A 57 3.42 46.53 3.85
CA ILE A 57 2.31 46.86 4.75
C ILE A 57 2.35 45.95 6.03
N GLY A 58 3.25 44.98 6.02
CA GLY A 58 3.43 44.10 7.16
C GLY A 58 4.39 42.96 6.97
N LEU A 59 4.90 42.44 8.10
CA LEU A 59 5.72 41.24 8.17
C LEU A 59 4.92 40.23 8.99
N THR A 60 4.75 39.03 8.46
CA THR A 60 4.05 37.94 9.17
C THR A 60 5.07 36.86 9.41
N THR A 61 5.17 36.36 10.63
CA THR A 61 6.23 35.42 10.97
C THR A 61 5.77 33.98 11.09
N ILE A 62 6.71 33.08 10.82
CA ILE A 62 6.52 31.64 10.88
C ILE A 62 7.83 31.00 11.35
N PHE A 63 7.78 29.74 11.78
CA PHE A 63 8.94 28.95 12.21
C PHE A 63 9.66 28.49 10.94
N GLY A 64 10.82 27.86 11.13
CA GLY A 64 11.55 27.22 10.03
C GLY A 64 13.02 27.33 10.32
N ASN A 65 13.61 28.51 10.03
CA ASN A 65 15.03 28.77 10.31
C ASN A 65 15.27 28.88 11.80
N VAL A 66 14.20 29.25 12.53
CA VAL A 66 14.19 29.50 13.98
C VAL A 66 12.72 29.30 14.43
N ASP A 67 12.46 29.19 15.74
CA ASP A 67 11.08 29.07 16.23
C ASP A 67 10.31 30.37 15.93
N THR A 68 8.98 30.32 15.83
CA THR A 68 8.15 31.47 15.51
C THR A 68 8.48 32.70 16.41
N LYS A 69 8.64 32.50 17.72
CA LYS A 69 8.95 33.59 18.66
C LYS A 69 10.29 34.27 18.33
N GLY A 70 11.27 33.47 17.90
CA GLY A 70 12.56 33.99 17.45
C GLY A 70 12.45 34.77 16.15
N ALA A 71 11.61 34.28 15.20
CA ALA A 71 11.34 34.94 13.91
C ALA A 71 10.71 36.32 14.16
N THR A 72 9.75 36.38 15.12
CA THR A 72 9.05 37.62 15.49
C THR A 72 10.04 38.64 16.05
N ARG A 73 10.88 38.18 16.99
CA ARG A 73 11.90 39.03 17.61
C ARG A 73 12.83 39.65 16.51
N ASN A 74 13.25 38.83 15.56
CA ASN A 74 14.10 39.23 14.44
C ASN A 74 13.41 40.20 13.48
N ALA A 75 12.14 39.93 13.11
CA ALA A 75 11.35 40.80 12.25
C ALA A 75 11.19 42.19 12.88
N LEU A 76 10.88 42.23 14.19
CA LEU A 76 10.75 43.48 14.95
C LEU A 76 12.06 44.27 14.93
N LEU A 77 13.19 43.57 15.10
CA LEU A 77 14.52 44.18 15.08
C LEU A 77 14.88 44.71 13.68
N LEU A 78 14.40 44.06 12.60
CA LEU A 78 14.64 44.48 11.22
C LEU A 78 13.88 45.77 10.89
N CYS A 79 12.61 45.89 11.37
CA CYS A 79 11.79 47.08 11.25
C CYS A 79 12.51 48.27 11.93
N GLU A 80 13.05 48.03 13.14
CA GLU A 80 13.81 49.05 13.90
C GLU A 80 15.08 49.45 13.17
N ARG A 81 15.83 48.47 12.66
CA ARG A 81 17.09 48.70 11.93
C ARG A 81 16.85 49.51 10.65
N ALA A 82 15.75 49.22 9.93
CA ALA A 82 15.38 49.91 8.68
C ALA A 82 14.80 51.32 8.94
N GLY A 83 14.62 51.70 10.21
CA GLY A 83 14.06 52.98 10.61
C GLY A 83 12.55 53.06 10.42
N CYS A 84 11.85 51.90 10.40
CA CYS A 84 10.40 51.79 10.24
C CYS A 84 9.79 50.92 11.36
N PRO A 85 9.90 51.30 12.66
CA PRO A 85 9.34 50.44 13.73
C PRO A 85 7.82 50.41 13.79
N GLU A 86 7.15 51.25 12.99
CA GLU A 86 5.69 51.32 12.89
C GLU A 86 5.11 50.23 11.98
N VAL A 87 5.95 49.63 11.09
CA VAL A 87 5.53 48.55 10.17
C VAL A 87 5.04 47.39 11.01
N PRO A 88 3.78 46.94 10.85
CA PRO A 88 3.26 45.89 11.73
C PRO A 88 3.95 44.54 11.57
N VAL A 89 4.23 43.87 12.70
CA VAL A 89 4.76 42.51 12.70
C VAL A 89 3.67 41.63 13.34
N ALA A 90 3.13 40.65 12.58
CA ALA A 90 2.09 39.77 13.08
C ALA A 90 2.68 38.35 13.24
N GLU A 91 2.64 37.82 14.47
CA GLU A 91 3.17 36.49 14.78
C GLU A 91 2.22 35.38 14.28
N GLY A 92 2.80 34.41 13.59
CA GLY A 92 2.01 33.31 13.03
C GLY A 92 2.04 32.04 13.85
N SER A 93 1.74 30.93 13.16
CA SER A 93 1.68 29.63 13.78
C SER A 93 3.01 29.18 14.40
N HIS A 94 2.94 28.53 15.59
CA HIS A 94 4.12 28.01 16.28
C HIS A 94 4.44 26.59 15.80
N GLU A 95 3.48 25.95 15.11
CA GLU A 95 3.63 24.56 14.64
C GLU A 95 3.05 24.36 13.25
N PRO A 96 3.52 23.35 12.46
CA PRO A 96 2.89 23.08 11.16
C PRO A 96 1.43 22.63 11.35
N LEU A 97 0.66 22.52 10.24
CA LEU A 97 -0.75 22.14 10.27
C LEU A 97 -1.00 20.76 10.89
N LYS A 98 -0.06 19.82 10.70
CA LYS A 98 -0.18 18.46 11.25
C LYS A 98 0.08 18.41 12.77
N GLY A 99 0.62 19.50 13.34
CA GLY A 99 0.91 19.60 14.76
C GLY A 99 2.30 19.17 15.15
N GLY A 100 2.69 19.48 16.38
CA GLY A 100 3.99 19.13 16.90
C GLY A 100 5.06 20.19 16.68
N LYS A 101 6.00 20.29 17.65
CA LYS A 101 7.12 21.21 17.66
C LYS A 101 8.00 21.05 16.40
N PRO A 102 8.14 22.11 15.58
CA PRO A 102 8.97 21.98 14.36
C PRO A 102 10.47 21.92 14.68
N ARG A 103 11.23 21.18 13.86
CA ARG A 103 12.68 21.13 14.00
C ARG A 103 13.20 22.34 13.22
N VAL A 104 14.08 23.13 13.83
CA VAL A 104 14.53 24.36 13.22
C VAL A 104 15.96 24.25 12.69
N ALA A 105 16.26 24.98 11.61
CA ALA A 105 17.54 24.97 10.93
C ALA A 105 18.60 25.87 11.62
N ASP A 106 18.90 25.60 12.89
CA ASP A 106 19.91 26.34 13.67
C ASP A 106 21.35 26.08 13.18
N PHE A 107 21.54 25.00 12.45
CA PHE A 107 22.83 24.63 11.85
C PHE A 107 23.07 25.43 10.53
N VAL A 108 22.02 26.13 10.04
CA VAL A 108 22.09 26.96 8.83
C VAL A 108 22.06 28.45 9.22
N HIS A 109 21.15 28.82 10.14
CA HIS A 109 20.94 30.22 10.49
C HIS A 109 21.35 30.61 11.90
N GLY A 110 21.93 29.69 12.66
CA GLY A 110 22.35 29.97 14.03
C GLY A 110 21.21 29.76 15.02
N SER A 111 21.56 29.70 16.31
CA SER A 111 20.62 29.50 17.44
C SER A 111 19.61 30.63 17.56
N ASP A 112 20.00 31.86 17.20
CA ASP A 112 19.13 33.05 17.23
C ASP A 112 18.44 33.30 15.87
N GLY A 113 18.78 32.48 14.86
CA GLY A 113 18.25 32.61 13.52
C GLY A 113 18.91 33.68 12.65
N ILE A 114 19.84 34.45 13.21
CA ILE A 114 20.50 35.51 12.41
C ILE A 114 22.04 35.39 12.42
N GLY A 115 22.52 34.15 12.51
CA GLY A 115 23.95 33.86 12.47
C GLY A 115 24.73 34.03 13.75
N ASN A 116 24.04 33.82 14.91
CA ASN A 116 24.63 33.87 16.25
C ASN A 116 25.23 35.22 16.58
N LEU A 117 24.46 36.28 16.38
CA LEU A 117 24.89 37.63 16.69
C LEU A 117 24.47 37.99 18.12
N PHE A 118 23.42 37.31 18.64
CA PHE A 118 22.86 37.48 20.01
C PHE A 118 22.71 38.95 20.36
N LEU A 119 21.83 39.61 19.61
CA LEU A 119 21.60 41.05 19.74
C LEU A 119 20.52 41.36 20.80
N PRO A 120 20.56 42.54 21.46
CA PRO A 120 19.52 42.88 22.43
C PRO A 120 18.11 42.90 21.81
N ALA A 121 17.11 42.66 22.66
CA ALA A 121 15.69 42.59 22.31
C ALA A 121 15.13 43.89 21.72
N PRO A 122 14.12 43.83 20.83
CA PRO A 122 13.54 45.07 20.29
C PRO A 122 12.66 45.79 21.31
N SER A 123 12.43 47.09 21.11
CA SER A 123 11.54 47.91 21.95
C SER A 123 10.12 47.84 21.36
N ALA A 124 10.04 47.79 20.03
CA ALA A 124 8.77 47.66 19.28
C ALA A 124 8.13 46.33 19.60
N LYS A 125 6.80 46.29 19.57
CA LYS A 125 6.03 45.08 19.87
C LYS A 125 5.24 44.62 18.66
N LYS A 126 4.97 43.31 18.61
CA LYS A 126 4.14 42.69 17.56
C LYS A 126 2.70 43.20 17.71
N VAL A 127 1.87 43.07 16.64
CA VAL A 127 0.44 43.42 16.74
C VAL A 127 -0.30 42.27 17.48
N GLU A 128 -1.54 42.49 17.91
CA GLU A 128 -2.32 41.49 18.65
C GLU A 128 -2.79 40.33 17.76
N GLU A 129 -3.27 40.63 16.55
CA GLU A 129 -3.79 39.63 15.61
C GLU A 129 -2.71 38.68 15.09
N SER A 130 -3.13 37.43 14.81
CA SER A 130 -2.24 36.40 14.27
C SER A 130 -1.87 36.76 12.81
N ALA A 131 -0.80 36.15 12.28
CA ALA A 131 -0.38 36.35 10.90
C ALA A 131 -1.52 35.96 9.90
N ALA A 132 -2.24 34.85 10.17
CA ALA A 132 -3.36 34.40 9.31
C ALA A 132 -4.46 35.44 9.26
N ASP A 133 -4.85 36.01 10.42
CA ASP A 133 -5.89 37.03 10.46
C ASP A 133 -5.43 38.33 9.82
N PHE A 134 -4.14 38.69 9.98
CA PHE A 134 -3.52 39.89 9.39
C PHE A 134 -3.58 39.79 7.84
N LEU A 135 -3.19 38.62 7.30
CA LEU A 135 -3.23 38.32 5.86
C LEU A 135 -4.64 38.50 5.31
N ILE A 136 -5.63 37.89 5.98
CA ILE A 136 -7.05 37.99 5.59
C ILE A 136 -7.52 39.46 5.62
N ASN A 137 -7.23 40.18 6.72
CA ASN A 137 -7.69 41.57 6.87
C ASN A 137 -7.09 42.50 5.82
N LYS A 138 -5.77 42.43 5.57
CA LYS A 138 -5.12 43.35 4.62
C LYS A 138 -5.50 43.09 3.16
N VAL A 139 -5.65 41.82 2.82
CA VAL A 139 -6.02 41.36 1.50
C VAL A 139 -7.51 41.72 1.26
N SER A 140 -8.36 41.58 2.28
CA SER A 140 -9.80 41.93 2.19
C SER A 140 -10.01 43.44 2.11
N GLU A 141 -9.10 44.22 2.73
CA GLU A 141 -9.15 45.68 2.76
C GLU A 141 -8.83 46.25 1.36
N PHE A 142 -7.86 45.63 0.65
CA PHE A 142 -7.45 46.06 -0.68
C PHE A 142 -7.51 44.87 -1.66
N PRO A 143 -8.71 44.38 -2.05
CA PRO A 143 -8.74 43.18 -2.93
C PRO A 143 -8.06 43.40 -4.27
N GLY A 144 -7.25 42.41 -4.66
CA GLY A 144 -6.50 42.39 -5.91
C GLY A 144 -5.29 43.32 -5.96
N GLU A 145 -4.95 43.96 -4.83
CA GLU A 145 -3.83 44.91 -4.75
C GLU A 145 -2.64 44.44 -3.90
N VAL A 146 -2.87 43.52 -2.96
CA VAL A 146 -1.81 43.07 -2.04
C VAL A 146 -1.14 41.80 -2.52
N SER A 147 0.18 41.85 -2.64
CA SER A 147 0.98 40.70 -3.01
C SER A 147 1.57 40.12 -1.74
N VAL A 148 1.75 38.81 -1.74
CA VAL A 148 2.32 38.11 -0.59
C VAL A 148 3.62 37.46 -1.06
N LEU A 149 4.72 37.80 -0.39
CA LEU A 149 6.01 37.16 -0.62
C LEU A 149 6.23 36.15 0.54
N ALA A 150 6.15 34.85 0.21
CA ALA A 150 6.27 33.74 1.19
C ALA A 150 7.69 33.21 1.20
N LEU A 151 8.42 33.53 2.27
CA LEU A 151 9.84 33.16 2.46
C LEU A 151 10.07 32.03 3.46
N GLY A 152 9.02 31.46 3.98
CA GLY A 152 9.15 30.34 4.92
C GLY A 152 8.14 29.25 4.67
N PRO A 153 7.96 28.31 5.62
CA PRO A 153 6.87 27.32 5.51
C PRO A 153 5.54 28.07 5.31
N LEU A 154 4.62 27.46 4.59
CA LEU A 154 3.40 28.13 4.14
C LEU A 154 2.20 28.06 5.06
N THR A 155 2.41 27.69 6.34
CA THR A 155 1.36 27.51 7.36
C THR A 155 0.37 28.68 7.47
N ASN A 156 0.85 29.93 7.65
CA ASN A 156 -0.01 31.13 7.80
C ASN A 156 -0.87 31.37 6.56
N VAL A 157 -0.28 31.16 5.35
CA VAL A 157 -0.92 31.33 4.05
C VAL A 157 -2.02 30.27 3.90
N ALA A 158 -1.72 29.01 4.22
CA ALA A 158 -2.71 27.91 4.17
C ALA A 158 -3.83 28.12 5.20
N LEU A 159 -3.50 28.62 6.40
CA LEU A 159 -4.51 28.93 7.44
C LEU A 159 -5.45 30.01 6.94
N ALA A 160 -4.90 31.05 6.26
CA ALA A 160 -5.71 32.13 5.67
C ALA A 160 -6.63 31.52 4.59
N ILE A 161 -6.09 30.66 3.71
CA ILE A 161 -6.86 30.00 2.64
C ILE A 161 -8.00 29.15 3.22
N LYS A 162 -7.73 28.36 4.27
CA LYS A 162 -8.77 27.54 4.92
C LYS A 162 -9.83 28.37 5.69
N ARG A 163 -9.40 29.39 6.44
CA ARG A 163 -10.28 30.27 7.22
C ARG A 163 -11.14 31.19 6.33
N ASP A 164 -10.55 31.70 5.25
CA ASP A 164 -11.27 32.53 4.29
C ASP A 164 -11.07 31.90 2.91
N PRO A 165 -12.05 31.10 2.41
CA PRO A 165 -11.88 30.44 1.10
C PRO A 165 -11.87 31.38 -0.12
N SER A 166 -12.14 32.70 0.07
CA SER A 166 -12.02 33.67 -1.02
C SER A 166 -10.62 34.34 -0.99
N PHE A 167 -9.80 34.05 0.04
CA PHE A 167 -8.47 34.67 0.18
C PHE A 167 -7.60 34.54 -1.11
N ALA A 168 -7.51 33.31 -1.65
CA ALA A 168 -6.76 32.98 -2.87
C ALA A 168 -7.14 33.91 -4.03
N SER A 169 -8.44 34.15 -4.24
CA SER A 169 -8.94 35.02 -5.28
C SER A 169 -8.69 36.52 -5.06
N LYS A 170 -8.38 36.94 -3.82
CA LYS A 170 -8.23 38.36 -3.44
C LYS A 170 -6.77 38.80 -3.38
N VAL A 171 -5.88 37.85 -3.11
CA VAL A 171 -4.48 38.23 -3.07
C VAL A 171 -4.07 38.51 -4.54
N LYS A 172 -3.33 39.60 -4.78
CA LYS A 172 -2.88 39.96 -6.13
C LYS A 172 -2.01 38.84 -6.70
N LYS A 173 -0.99 38.47 -5.94
CA LYS A 173 -0.07 37.41 -6.31
C LYS A 173 0.57 36.85 -5.05
N ILE A 174 0.89 35.56 -5.08
CA ILE A 174 1.65 34.91 -4.03
C ILE A 174 2.95 34.43 -4.69
N VAL A 175 4.08 35.01 -4.28
CA VAL A 175 5.39 34.57 -4.76
C VAL A 175 5.98 33.72 -3.65
N VAL A 176 6.21 32.46 -3.98
CA VAL A 176 6.66 31.42 -3.04
C VAL A 176 8.10 31.02 -3.24
N LEU A 177 8.95 31.28 -2.24
CA LEU A 177 10.30 30.74 -2.25
C LEU A 177 10.15 29.33 -1.63
N GLY A 178 10.26 28.30 -2.46
CA GLY A 178 10.14 26.94 -1.98
C GLY A 178 10.10 25.90 -3.09
N GLY A 179 10.37 24.67 -2.71
CA GLY A 179 10.34 23.53 -3.61
C GLY A 179 11.64 23.32 -4.34
N ALA A 180 11.68 22.22 -5.10
CA ALA A 180 12.81 21.79 -5.91
C ALA A 180 12.14 21.03 -7.06
N PHE A 181 12.18 21.63 -8.26
CA PHE A 181 11.52 21.08 -9.44
C PHE A 181 12.54 20.44 -10.32
N PHE A 182 12.50 19.08 -10.39
CA PHE A 182 13.43 18.23 -11.11
C PHE A 182 14.90 18.53 -10.71
N ALA A 183 15.09 18.70 -9.40
CA ALA A 183 16.37 18.95 -8.73
C ALA A 183 16.29 18.43 -7.28
N ALA A 184 17.47 18.14 -6.71
CA ALA A 184 17.58 17.63 -5.33
C ALA A 184 17.16 18.69 -4.32
N GLY A 185 16.60 18.24 -3.19
CA GLY A 185 16.19 19.13 -2.12
C GLY A 185 17.37 19.49 -1.24
N ASN A 186 17.18 20.38 -0.24
CA ASN A 186 18.27 20.76 0.71
C ASN A 186 18.08 20.15 2.11
N VAL A 187 16.88 19.59 2.43
CA VAL A 187 16.65 18.90 3.72
C VAL A 187 17.17 17.48 3.56
N ASN A 188 16.85 16.89 2.41
CA ASN A 188 17.24 15.55 2.00
C ASN A 188 17.11 15.53 0.45
N PRO A 189 17.45 14.46 -0.27
CA PRO A 189 17.31 14.48 -1.74
C PRO A 189 15.92 14.87 -2.28
N ALA A 190 14.87 14.59 -1.53
CA ALA A 190 13.48 14.82 -1.95
C ALA A 190 12.92 16.17 -1.73
N ALA A 191 13.32 16.85 -0.64
CA ALA A 191 12.60 18.04 -0.23
C ALA A 191 13.42 19.26 0.10
N GLU A 192 12.84 20.43 -0.22
CA GLU A 192 13.37 21.75 0.11
C GLU A 192 12.76 22.13 1.49
N ALA A 193 13.54 22.86 2.34
CA ALA A 193 13.21 23.22 3.72
C ALA A 193 11.81 23.84 3.95
N ASN A 194 11.44 24.91 3.22
CA ASN A 194 10.14 25.58 3.40
C ASN A 194 8.97 24.63 3.18
N ILE A 195 9.06 23.79 2.16
CA ILE A 195 7.99 22.84 1.87
C ILE A 195 8.01 21.73 2.91
N HIS A 196 9.20 21.20 3.23
CA HIS A 196 9.33 20.13 4.22
C HIS A 196 8.83 20.54 5.64
N GLY A 197 8.98 21.82 5.98
CA GLY A 197 8.51 22.40 7.24
C GLY A 197 7.00 22.26 7.38
N ASP A 198 6.25 22.32 6.26
CA ASP A 198 4.79 22.12 6.29
C ASP A 198 4.26 21.67 4.92
N PRO A 199 4.37 20.35 4.62
CA PRO A 199 3.94 19.87 3.30
C PRO A 199 2.45 20.07 3.03
N GLU A 200 1.60 19.83 4.06
CA GLU A 200 0.15 19.99 3.98
C GLU A 200 -0.19 21.43 3.61
N ALA A 201 0.47 22.43 4.27
CA ALA A 201 0.24 23.85 4.00
C ALA A 201 0.62 24.21 2.56
N ALA A 202 1.78 23.70 2.13
CA ALA A 202 2.27 23.94 0.76
C ALA A 202 1.28 23.40 -0.28
N ASP A 203 0.76 22.18 -0.06
CA ASP A 203 -0.19 21.54 -1.00
C ASP A 203 -1.50 22.33 -1.06
N ILE A 204 -1.98 22.86 0.11
CA ILE A 204 -3.16 23.72 0.20
C ILE A 204 -2.93 25.00 -0.64
N VAL A 205 -1.76 25.62 -0.52
CA VAL A 205 -1.43 26.85 -1.27
C VAL A 205 -1.35 26.58 -2.78
N PHE A 206 -0.64 25.49 -3.19
CA PHE A 206 -0.47 25.18 -4.61
C PHE A 206 -1.77 24.75 -5.32
N THR A 207 -2.79 24.32 -4.56
CA THR A 207 -4.06 23.88 -5.14
C THR A 207 -5.18 24.91 -4.89
N SER A 208 -4.84 26.06 -4.27
CA SER A 208 -5.82 27.10 -3.87
C SER A 208 -6.50 27.89 -5.00
N GLY A 209 -5.90 27.88 -6.20
CA GLY A 209 -6.45 28.64 -7.32
C GLY A 209 -5.97 30.09 -7.38
N ALA A 210 -5.07 30.50 -6.45
CA ALA A 210 -4.51 31.84 -6.42
C ALA A 210 -3.47 32.01 -7.54
N ASP A 211 -3.14 33.28 -7.88
CA ASP A 211 -2.11 33.62 -8.86
C ASP A 211 -0.78 33.43 -8.12
N ILE A 212 -0.14 32.28 -8.36
CA ILE A 212 1.07 31.88 -7.66
C ILE A 212 2.27 31.74 -8.60
N VAL A 213 3.42 32.19 -8.10
CA VAL A 213 4.72 32.05 -8.72
C VAL A 213 5.58 31.27 -7.72
N VAL A 214 6.18 30.13 -8.16
CA VAL A 214 7.04 29.31 -7.29
CA VAL A 214 7.04 29.35 -7.27
C VAL A 214 8.47 29.36 -7.77
N VAL A 215 9.39 29.72 -6.88
CA VAL A 215 10.81 29.83 -7.15
C VAL A 215 11.49 28.72 -6.37
N GLY A 216 11.88 27.68 -7.08
CA GLY A 216 12.49 26.49 -6.50
C GLY A 216 14.00 26.57 -6.41
N ILE A 217 14.57 25.60 -5.74
CA ILE A 217 16.02 25.40 -5.56
C ILE A 217 16.75 25.25 -6.94
N ASN A 218 16.05 24.67 -7.95
CA ASN A 218 16.52 24.52 -9.34
C ASN A 218 16.91 25.92 -9.91
N ILE A 219 16.27 26.99 -9.41
CA ILE A 219 16.54 28.38 -9.81
C ILE A 219 17.57 29.04 -8.91
N THR A 220 17.35 29.00 -7.58
CA THR A 220 18.16 29.75 -6.61
C THR A 220 19.61 29.27 -6.53
N THR A 221 19.90 28.00 -6.82
CA THR A 221 21.29 27.51 -6.80
C THR A 221 22.13 28.14 -7.93
N GLN A 222 21.45 28.70 -8.97
CA GLN A 222 22.10 29.39 -10.10
C GLN A 222 22.54 30.82 -9.75
N VAL A 223 21.97 31.42 -8.66
CA VAL A 223 22.24 32.80 -8.26
C VAL A 223 23.03 32.83 -6.96
N CYS A 224 24.30 33.25 -7.05
CA CYS A 224 25.22 33.22 -5.93
C CYS A 224 25.94 34.52 -5.66
N LEU A 225 26.39 34.68 -4.41
CA LEU A 225 27.30 35.72 -3.96
C LEU A 225 28.51 34.94 -3.51
N THR A 226 29.63 35.08 -4.23
CA THR A 226 30.88 34.42 -3.89
C THR A 226 31.48 35.13 -2.66
N ASP A 227 32.55 34.55 -2.07
CA ASP A 227 33.30 35.19 -0.99
C ASP A 227 33.80 36.56 -1.43
N GLU A 228 34.22 36.69 -2.71
CA GLU A 228 34.68 37.95 -3.31
C GLU A 228 33.52 38.98 -3.29
N ASP A 229 32.31 38.57 -3.74
CA ASP A 229 31.08 39.39 -3.72
C ASP A 229 30.72 39.85 -2.28
N LEU A 230 30.88 38.96 -1.28
CA LEU A 230 30.60 39.27 0.13
C LEU A 230 31.57 40.30 0.69
N LEU A 231 32.86 40.22 0.26
CA LEU A 231 33.90 41.18 0.66
C LEU A 231 33.61 42.55 0.03
N GLU A 232 33.14 42.56 -1.25
CA GLU A 232 32.72 43.76 -1.99
C GLU A 232 31.57 44.44 -1.21
N LEU A 233 30.62 43.64 -0.65
CA LEU A 233 29.53 44.15 0.20
C LEU A 233 30.09 44.77 1.50
N ARG A 234 31.01 44.05 2.20
CA ARG A 234 31.65 44.55 3.43
C ARG A 234 32.33 45.89 3.20
N ASN A 235 33.04 46.03 2.07
CA ASN A 235 33.79 47.24 1.69
C ASN A 235 32.93 48.33 1.05
N SER A 236 31.65 48.06 0.76
CA SER A 236 30.74 49.00 0.12
C SER A 236 30.21 50.11 1.07
N LYS A 237 29.44 51.05 0.50
CA LYS A 237 28.82 52.13 1.25
C LYS A 237 27.34 51.81 1.59
N GLY A 238 26.96 50.53 1.49
CA GLY A 238 25.62 50.04 1.80
C GLY A 238 25.19 50.37 3.22
N LYS A 239 23.97 50.88 3.39
CA LYS A 239 23.36 51.30 4.67
C LYS A 239 23.50 50.20 5.75
N HIS A 240 23.24 48.93 5.38
CA HIS A 240 23.29 47.79 6.30
C HIS A 240 24.43 46.83 5.98
N ALA A 241 25.43 47.26 5.17
CA ALA A 241 26.58 46.46 4.73
C ALA A 241 27.28 45.70 5.87
N ALA A 242 27.61 46.38 7.00
CA ALA A 242 28.29 45.74 8.14
C ALA A 242 27.45 44.65 8.81
N PHE A 243 26.15 44.92 9.02
CA PHE A 243 25.21 43.98 9.63
C PHE A 243 24.97 42.77 8.72
N LEU A 244 24.75 43.03 7.41
CA LEU A 244 24.54 42.00 6.38
C LEU A 244 25.73 41.07 6.29
N TYR A 245 26.96 41.63 6.28
CA TYR A 245 28.20 40.85 6.22
C TYR A 245 28.35 39.96 7.47
N GLU A 246 28.09 40.53 8.66
CA GLU A 246 28.18 39.82 9.95
C GLU A 246 27.23 38.62 10.03
N MET A 247 25.95 38.77 9.59
CA MET A 247 24.98 37.68 9.56
C MET A 247 25.40 36.59 8.62
N CYS A 248 25.90 36.98 7.42
CA CYS A 248 26.29 36.08 6.35
C CYS A 248 27.47 35.17 6.66
N LYS A 249 28.30 35.50 7.69
CA LYS A 249 29.45 34.66 8.02
C LYS A 249 29.03 33.22 8.33
N PHE A 250 28.03 33.04 9.21
CA PHE A 250 27.53 31.75 9.62
C PHE A 250 26.85 31.04 8.45
N TYR A 251 26.02 31.79 7.66
CA TYR A 251 25.29 31.30 6.51
C TYR A 251 26.24 30.78 5.42
N ARG A 252 27.29 31.56 5.09
CA ARG A 252 28.37 31.21 4.16
C ARG A 252 29.10 29.93 4.63
N ASP A 253 29.33 29.84 5.94
CA ASP A 253 30.00 28.70 6.54
C ASP A 253 29.21 27.41 6.30
N TRP A 254 27.88 27.47 6.40
CA TRP A 254 27.03 26.30 6.14
C TRP A 254 27.13 25.88 4.68
N HIS A 255 27.09 26.84 3.73
CA HIS A 255 27.24 26.56 2.29
C HIS A 255 28.57 25.89 1.99
N ALA A 256 29.67 26.35 2.64
CA ALA A 256 31.00 25.76 2.47
C ALA A 256 31.07 24.33 3.05
N LYS A 257 30.47 24.11 4.23
CA LYS A 257 30.46 22.83 4.92
C LYS A 257 29.56 21.79 4.22
N SER A 258 28.35 22.18 3.80
CA SER A 258 27.38 21.26 3.21
C SER A 258 27.42 21.16 1.69
N ASP A 259 27.32 22.30 0.99
CA ASP A 259 27.30 22.32 -0.47
C ASP A 259 28.69 22.37 -1.08
N GLY A 260 29.68 22.76 -0.28
CA GLY A 260 31.06 22.91 -0.77
C GLY A 260 31.20 24.20 -1.57
N PHE A 261 30.26 25.15 -1.40
CA PHE A 261 30.30 26.43 -2.10
C PHE A 261 30.87 27.54 -1.21
N HIS A 262 31.91 28.25 -1.71
CA HIS A 262 32.56 29.35 -1.00
C HIS A 262 31.83 30.66 -1.28
N GLY A 263 30.75 30.85 -0.55
CA GLY A 263 29.85 31.98 -0.65
C GLY A 263 28.47 31.56 -0.20
N ILE A 264 27.43 32.20 -0.72
CA ILE A 264 26.06 31.89 -0.36
C ILE A 264 25.20 31.79 -1.61
N PHE A 265 24.14 30.98 -1.54
CA PHE A 265 23.14 30.97 -2.59
C PHE A 265 22.18 32.09 -2.15
N LEU A 266 21.60 32.80 -3.12
CA LEU A 266 20.64 33.85 -2.84
C LEU A 266 19.30 33.18 -3.13
N HIS A 267 18.50 32.93 -2.10
CA HIS A 267 17.23 32.25 -2.27
C HIS A 267 16.11 33.24 -2.01
N ASP A 268 15.95 33.74 -0.76
CA ASP A 268 14.88 34.72 -0.46
C ASP A 268 15.08 36.01 -1.30
N PRO A 269 16.32 36.57 -1.48
CA PRO A 269 16.45 37.74 -2.37
C PRO A 269 16.07 37.49 -3.84
N VAL A 270 16.25 36.24 -4.35
CA VAL A 270 15.82 35.86 -5.72
C VAL A 270 14.29 35.88 -5.84
N SER A 271 13.57 35.41 -4.81
CA SER A 271 12.10 35.45 -4.86
C SER A 271 11.58 36.89 -4.81
N PHE A 272 12.28 37.79 -4.10
CA PHE A 272 11.94 39.21 -4.05
C PHE A 272 12.15 39.82 -5.44
N THR A 273 13.24 39.40 -6.15
CA THR A 273 13.54 39.84 -7.52
C THR A 273 12.38 39.41 -8.44
N ALA A 274 11.80 38.21 -8.21
CA ALA A 274 10.67 37.70 -9.01
C ALA A 274 9.39 38.51 -8.82
N VAL A 275 9.24 39.17 -7.66
CA VAL A 275 8.09 40.04 -7.38
C VAL A 275 8.19 41.32 -8.27
N LEU A 276 9.35 41.99 -8.22
CA LEU A 276 9.60 43.27 -8.90
C LEU A 276 9.99 43.15 -10.36
N HIS A 277 10.77 42.11 -10.70
CA HIS A 277 11.24 41.88 -12.06
C HIS A 277 10.96 40.46 -12.54
N PRO A 278 9.69 40.06 -12.72
CA PRO A 278 9.42 38.72 -13.28
C PRO A 278 9.99 38.51 -14.69
N GLU A 279 10.33 39.60 -15.40
CA GLU A 279 10.93 39.54 -16.74
C GLU A 279 12.38 39.02 -16.73
N TYR A 280 13.01 38.93 -15.54
CA TYR A 280 14.37 38.38 -15.36
C TYR A 280 14.33 36.83 -15.31
N PHE A 281 13.14 36.26 -15.54
CA PHE A 281 12.91 34.81 -15.46
C PHE A 281 12.00 34.38 -16.60
N THR A 282 11.96 33.08 -16.85
CA THR A 282 10.98 32.45 -17.73
C THR A 282 10.24 31.49 -16.83
N PHE A 283 8.97 31.25 -17.14
CA PHE A 283 8.15 30.40 -16.29
C PHE A 283 7.45 29.34 -17.12
N LYS A 284 7.09 28.22 -16.46
CA LYS A 284 6.27 27.19 -17.07
C LYS A 284 5.01 27.11 -16.22
N LYS A 285 3.86 26.99 -16.86
CA LYS A 285 2.59 26.85 -16.17
C LYS A 285 2.31 25.34 -16.05
N GLY A 286 1.87 24.94 -14.86
CA GLY A 286 1.53 23.56 -14.59
C GLY A 286 0.98 23.40 -13.20
N VAL A 287 0.16 22.36 -13.01
CA VAL A 287 -0.37 21.97 -11.69
C VAL A 287 0.81 21.44 -10.84
N VAL A 288 0.95 21.96 -9.64
CA VAL A 288 1.96 21.51 -8.67
C VAL A 288 1.26 20.83 -7.49
N ARG A 289 1.78 19.66 -7.13
CA ARG A 289 1.35 18.89 -5.97
C ARG A 289 2.52 18.69 -5.02
N VAL A 290 2.20 18.47 -3.73
CA VAL A 290 3.20 18.22 -2.70
C VAL A 290 2.93 16.85 -2.04
N GLU A 291 3.99 16.03 -1.93
CA GLU A 291 3.94 14.74 -1.23
C GLU A 291 3.96 15.04 0.28
N THR A 292 3.03 14.46 1.04
CA THR A 292 2.87 14.73 2.47
C THR A 292 3.28 13.58 3.37
N GLN A 293 3.49 12.38 2.81
CA GLN A 293 3.90 11.21 3.58
C GLN A 293 5.05 10.44 2.90
N GLY A 294 5.61 9.47 3.60
CA GLY A 294 6.66 8.59 3.10
C GLY A 294 8.03 9.24 2.99
N ILE A 295 8.94 8.53 2.31
CA ILE A 295 10.33 9.01 2.11
C ILE A 295 10.40 10.31 1.29
N CYS A 296 9.37 10.57 0.45
CA CYS A 296 9.35 11.78 -0.36
C CYS A 296 8.50 12.91 0.23
N THR A 297 8.20 12.86 1.52
CA THR A 297 7.48 13.96 2.22
C THR A 297 8.19 15.28 1.88
N GLY A 298 7.40 16.26 1.46
CA GLY A 298 7.91 17.59 1.14
C GLY A 298 8.33 17.77 -0.30
N HIS A 299 8.27 16.70 -1.13
CA HIS A 299 8.64 16.78 -2.55
C HIS A 299 7.61 17.57 -3.33
N THR A 300 8.09 18.53 -4.16
CA THR A 300 7.25 19.33 -5.06
C THR A 300 7.38 18.77 -6.47
N LEU A 301 6.24 18.49 -7.09
CA LEU A 301 6.21 17.96 -8.44
C LEU A 301 5.17 18.67 -9.27
N MET A 302 5.61 19.18 -10.42
CA MET A 302 4.82 19.90 -11.42
C MET A 302 4.48 19.04 -12.63
N ASP A 303 3.24 19.17 -13.13
CA ASP A 303 2.84 18.52 -14.39
C ASP A 303 2.86 19.62 -15.48
N GLN A 304 3.83 19.58 -16.39
CA GLN A 304 3.91 20.55 -17.48
C GLN A 304 2.73 20.48 -18.46
N GLY A 305 2.02 19.35 -18.49
CA GLY A 305 0.87 19.17 -19.36
C GLY A 305 1.22 18.92 -20.82
N LEU A 306 2.47 18.50 -21.07
CA LEU A 306 2.95 18.21 -22.42
C LEU A 306 2.61 16.78 -22.89
N LYS A 307 2.18 15.92 -21.97
CA LYS A 307 1.79 14.54 -22.28
C LYS A 307 0.33 14.37 -21.90
N LYS A 308 -0.47 13.85 -22.85
CA LYS A 308 -1.88 13.59 -22.62
C LYS A 308 -1.99 12.25 -21.89
N TRP A 309 -2.41 12.30 -20.60
CA TRP A 309 -2.55 11.12 -19.77
C TRP A 309 -3.76 10.30 -20.19
N ASN A 310 -3.62 8.97 -20.13
CA ASN A 310 -4.70 8.06 -20.51
C ASN A 310 -5.85 8.09 -19.49
N SER A 311 -5.54 8.33 -18.22
CA SER A 311 -6.53 8.39 -17.15
C SER A 311 -6.15 9.51 -16.16
N GLU A 312 -7.09 9.86 -15.28
CA GLU A 312 -6.90 10.91 -14.27
C GLU A 312 -5.86 10.56 -13.25
N ASN A 313 -5.20 11.57 -12.72
CA ASN A 313 -4.16 11.36 -11.74
C ASN A 313 -4.18 12.50 -10.72
N PRO A 314 -3.37 12.47 -9.65
CA PRO A 314 -3.42 13.56 -8.65
C PRO A 314 -3.22 14.98 -9.19
N TRP A 315 -2.69 15.15 -10.43
CA TRP A 315 -2.45 16.47 -11.03
C TRP A 315 -3.62 16.99 -11.87
N SER A 316 -4.53 16.09 -12.27
CA SER A 316 -5.74 16.44 -13.05
C SER A 316 -6.71 17.36 -12.26
N GLY A 317 -7.37 18.26 -12.98
CA GLY A 317 -8.43 19.13 -12.48
C GLY A 317 -8.09 20.36 -11.67
N TYR A 318 -6.82 20.55 -11.31
CA TYR A 318 -6.44 21.73 -10.55
C TYR A 318 -6.09 22.88 -11.50
N LYS A 319 -6.01 24.10 -10.95
CA LYS A 319 -5.61 25.25 -11.73
C LYS A 319 -4.06 25.25 -11.74
N PRO A 320 -3.41 25.45 -12.91
CA PRO A 320 -1.95 25.51 -12.93
C PRO A 320 -1.42 26.73 -12.21
N ILE A 321 -0.18 26.67 -11.85
CA ILE A 321 0.52 27.80 -11.24
C ILE A 321 1.77 28.07 -12.08
N SER A 322 2.45 29.18 -11.81
CA SER A 322 3.63 29.57 -12.55
C SER A 322 4.92 29.13 -11.83
N VAL A 323 5.72 28.29 -12.50
CA VAL A 323 6.95 27.76 -11.91
C VAL A 323 8.15 28.38 -12.62
N ALA A 324 9.03 29.11 -11.89
CA ALA A 324 10.22 29.71 -12.49
C ALA A 324 11.09 28.59 -13.07
N TRP A 325 11.39 28.70 -14.36
CA TRP A 325 12.09 27.69 -15.14
C TRP A 325 13.52 28.05 -15.48
N THR A 326 13.74 29.32 -15.85
CA THR A 326 15.07 29.87 -16.13
C THR A 326 15.21 31.21 -15.43
N VAL A 327 16.46 31.62 -15.21
CA VAL A 327 16.79 32.88 -14.56
C VAL A 327 17.93 33.57 -15.33
N ASP A 328 17.79 34.89 -15.56
CA ASP A 328 18.83 35.72 -16.17
C ASP A 328 19.73 36.10 -14.98
N VAL A 329 20.72 35.26 -14.71
CA VAL A 329 21.65 35.36 -13.57
C VAL A 329 22.35 36.74 -13.51
N PRO A 330 22.99 37.29 -14.58
CA PRO A 330 23.62 38.63 -14.45
C PRO A 330 22.63 39.73 -14.03
N LYS A 331 21.41 39.73 -14.62
CA LYS A 331 20.40 40.73 -14.31
C LYS A 331 19.87 40.63 -12.87
N VAL A 332 19.65 39.39 -12.36
CA VAL A 332 19.20 39.16 -10.99
C VAL A 332 20.29 39.58 -9.97
N ILE A 333 21.55 39.16 -10.20
CA ILE A 333 22.69 39.51 -9.34
C ILE A 333 22.90 41.03 -9.28
N SER A 334 22.83 41.70 -10.44
CA SER A 334 22.99 43.15 -10.55
C SER A 334 21.95 43.90 -9.69
N PHE A 335 20.68 43.49 -9.80
CA PHE A 335 19.56 44.09 -9.05
C PHE A 335 19.73 43.90 -7.52
N ILE A 336 20.14 42.70 -7.07
CA ILE A 336 20.30 42.39 -5.64
C ILE A 336 21.47 43.21 -5.08
N LYS A 337 22.64 43.17 -5.76
CA LYS A 337 23.85 43.91 -5.34
C LYS A 337 23.55 45.42 -5.19
N LYS A 338 22.79 45.99 -6.13
CA LYS A 338 22.39 47.40 -6.14
C LYS A 338 21.61 47.77 -4.86
N LEU A 339 20.67 46.91 -4.44
CA LEU A 339 19.90 47.13 -3.22
C LEU A 339 20.71 46.93 -1.95
N LEU A 340 21.53 45.86 -1.89
CA LEU A 340 22.38 45.57 -0.72
C LEU A 340 23.46 46.63 -0.48
N MET A 341 23.95 47.26 -1.56
CA MET A 341 25.03 48.25 -1.48
C MET A 341 24.57 49.73 -1.57
N ALA A 342 23.23 49.97 -1.62
CA ALA A 342 22.63 51.31 -1.68
C ALA A 342 22.86 52.04 -0.34
N PRO A 343 23.39 53.30 -0.34
CA PRO A 343 23.67 53.99 0.92
C PRO A 343 22.44 54.46 1.72
N ARG B 27 33.75 -16.34 -26.59
CA ARG B 27 33.40 -16.06 -25.19
C ARG B 27 32.15 -15.15 -25.08
N ARG B 28 30.98 -15.78 -25.20
CA ARG B 28 29.64 -15.21 -25.14
C ARG B 28 29.23 -14.92 -23.70
N ASP B 29 28.64 -13.72 -23.47
CA ASP B 29 28.16 -13.23 -22.18
C ASP B 29 26.75 -13.73 -21.92
N LYS B 30 26.56 -14.45 -20.82
CA LYS B 30 25.27 -15.06 -20.43
C LYS B 30 24.29 -13.97 -19.99
N LEU B 31 23.09 -14.00 -20.58
CA LEU B 31 22.07 -13.00 -20.29
C LEU B 31 20.69 -13.62 -20.10
N ILE B 32 19.99 -13.16 -19.04
CA ILE B 32 18.60 -13.49 -18.78
C ILE B 32 17.84 -12.18 -19.00
N ILE B 33 16.77 -12.24 -19.79
CA ILE B 33 15.92 -11.08 -20.02
C ILE B 33 14.61 -11.27 -19.25
N ASP B 34 14.35 -10.39 -18.26
CA ASP B 34 13.09 -10.37 -17.49
C ASP B 34 12.24 -9.31 -18.18
N THR B 35 11.11 -9.73 -18.73
CA THR B 35 10.36 -8.89 -19.65
C THR B 35 8.84 -9.08 -19.66
N ASP B 36 8.12 -8.03 -20.13
CA ASP B 36 6.64 -8.03 -20.30
C ASP B 36 6.31 -7.75 -21.79
N PRO B 37 6.72 -8.63 -22.77
CA PRO B 37 6.50 -8.28 -24.19
C PRO B 37 5.03 -8.16 -24.63
N GLY B 38 4.59 -6.98 -25.09
CA GLY B 38 5.37 -5.73 -25.16
C GLY B 38 6.04 -5.53 -26.51
N ILE B 39 5.78 -4.38 -27.17
CA ILE B 39 6.34 -4.05 -28.50
C ILE B 39 7.83 -3.75 -28.43
N ASP B 40 8.28 -2.82 -27.55
CA ASP B 40 9.71 -2.51 -27.47
C ASP B 40 10.50 -3.66 -26.84
N ASP B 41 9.87 -4.45 -25.94
CA ASP B 41 10.46 -5.67 -25.36
C ASP B 41 10.77 -6.69 -26.48
N SER B 42 9.79 -6.88 -27.38
CA SER B 42 9.91 -7.81 -28.51
C SER B 42 11.04 -7.44 -29.45
N MET B 43 11.19 -6.12 -29.76
CA MET B 43 12.29 -5.60 -30.58
C MET B 43 13.61 -5.94 -29.90
N THR B 44 13.71 -5.71 -28.56
CA THR B 44 14.89 -5.98 -27.73
C THR B 44 15.28 -7.47 -27.74
N ILE B 45 14.30 -8.36 -27.54
CA ILE B 45 14.53 -9.83 -27.52
C ILE B 45 15.07 -10.30 -28.88
N LEU B 46 14.43 -9.86 -29.98
CA LEU B 46 14.86 -10.22 -31.34
C LEU B 46 16.26 -9.68 -31.63
N MET B 47 16.59 -8.49 -31.11
CA MET B 47 17.92 -7.87 -31.23
C MET B 47 18.94 -8.72 -30.48
N ALA B 48 18.61 -9.07 -29.24
CA ALA B 48 19.48 -9.88 -28.38
C ALA B 48 19.82 -11.25 -28.99
N PHE B 49 18.84 -11.89 -29.68
CA PHE B 49 19.05 -13.16 -30.37
C PHE B 49 20.00 -13.01 -31.60
N ARG B 50 20.03 -11.83 -32.25
CA ARG B 50 20.92 -11.57 -33.39
C ARG B 50 22.35 -11.13 -32.94
N ALA B 51 22.52 -10.68 -31.66
CA ALA B 51 23.80 -10.20 -31.09
C ALA B 51 24.75 -11.39 -30.86
N PRO B 52 25.85 -11.50 -31.63
CA PRO B 52 26.73 -12.68 -31.49
C PRO B 52 27.46 -12.83 -30.16
N SER B 53 27.81 -11.71 -29.52
CA SER B 53 28.55 -11.72 -28.27
C SER B 53 27.69 -12.10 -27.04
N VAL B 54 26.38 -12.29 -27.24
CA VAL B 54 25.40 -12.56 -26.18
C VAL B 54 24.84 -13.96 -26.29
N GLU B 55 24.74 -14.66 -25.13
CA GLU B 55 24.10 -15.95 -25.01
C GLU B 55 22.86 -15.77 -24.11
N ILE B 56 21.66 -15.80 -24.72
CA ILE B 56 20.42 -15.72 -23.97
C ILE B 56 20.17 -17.08 -23.33
N ILE B 57 20.25 -17.16 -22.00
CA ILE B 57 20.07 -18.45 -21.32
C ILE B 57 18.63 -18.62 -20.86
N GLY B 58 17.83 -17.56 -21.00
CA GLY B 58 16.41 -17.60 -20.67
C GLY B 58 15.68 -16.28 -20.73
N LEU B 59 14.35 -16.39 -20.89
CA LEU B 59 13.41 -15.27 -20.83
C LEU B 59 12.52 -15.51 -19.64
N THR B 60 12.39 -14.53 -18.77
CA THR B 60 11.54 -14.62 -17.57
C THR B 60 10.45 -13.57 -17.76
N THR B 61 9.19 -13.96 -17.57
CA THR B 61 8.10 -13.04 -17.88
C THR B 61 7.42 -12.43 -16.66
N ILE B 62 6.88 -11.25 -16.87
CA ILE B 62 6.19 -10.46 -15.86
C ILE B 62 5.04 -9.69 -16.55
N PHE B 63 4.09 -9.19 -15.77
CA PHE B 63 3.00 -8.35 -16.25
C PHE B 63 3.50 -6.92 -16.53
N GLY B 64 2.63 -6.09 -17.08
CA GLY B 64 2.88 -4.67 -17.26
C GLY B 64 2.21 -4.16 -18.51
N ASN B 65 2.85 -4.43 -19.67
CA ASN B 65 2.31 -4.07 -20.99
C ASN B 65 1.11 -4.94 -21.31
N VAL B 66 1.09 -6.13 -20.71
CA VAL B 66 0.09 -7.18 -20.94
C VAL B 66 0.11 -8.06 -19.64
N ASP B 67 -0.92 -8.93 -19.44
CA ASP B 67 -0.92 -9.80 -18.26
C ASP B 67 0.22 -10.79 -18.41
N THR B 68 0.71 -11.37 -17.29
CA THR B 68 1.84 -12.31 -17.31
C THR B 68 1.63 -13.44 -18.33
N LYS B 69 0.37 -13.98 -18.43
CA LYS B 69 0.03 -15.04 -19.38
C LYS B 69 0.33 -14.63 -20.81
N GLY B 70 -0.07 -13.40 -21.14
CA GLY B 70 0.14 -12.80 -22.45
C GLY B 70 1.60 -12.59 -22.74
N ALA B 71 2.37 -12.14 -21.75
CA ALA B 71 3.82 -11.92 -21.85
C ALA B 71 4.53 -13.25 -22.16
N THR B 72 4.13 -14.34 -21.45
CA THR B 72 4.66 -15.69 -21.65
C THR B 72 4.40 -16.18 -23.08
N ARG B 73 3.14 -16.02 -23.56
CA ARG B 73 2.73 -16.43 -24.88
C ARG B 73 3.61 -15.73 -25.95
N ASN B 74 3.83 -14.42 -25.76
CA ASN B 74 4.67 -13.61 -26.64
C ASN B 74 6.15 -13.99 -26.59
N ALA B 75 6.72 -14.23 -25.39
CA ALA B 75 8.11 -14.64 -25.24
C ALA B 75 8.35 -16.01 -25.95
N LEU B 76 7.41 -16.96 -25.78
CA LEU B 76 7.48 -18.27 -26.43
C LEU B 76 7.47 -18.11 -27.95
N LEU B 77 6.59 -17.23 -28.48
CA LEU B 77 6.49 -16.92 -29.90
C LEU B 77 7.74 -16.26 -30.45
N LEU B 78 8.42 -15.41 -29.63
CA LEU B 78 9.67 -14.74 -30.03
C LEU B 78 10.82 -15.73 -30.16
N CYS B 79 10.92 -16.70 -29.23
CA CYS B 79 11.92 -17.79 -29.28
C CYS B 79 11.75 -18.60 -30.57
N GLU B 80 10.49 -18.92 -30.93
CA GLU B 80 10.15 -19.65 -32.15
C GLU B 80 10.49 -18.83 -33.39
N ARG B 81 10.15 -17.53 -33.40
CA ARG B 81 10.43 -16.62 -34.51
C ARG B 81 11.95 -16.48 -34.75
N ALA B 82 12.75 -16.41 -33.67
CA ALA B 82 14.20 -16.29 -33.73
C ALA B 82 14.92 -17.60 -34.09
N GLY B 83 14.15 -18.69 -34.23
CA GLY B 83 14.65 -20.03 -34.55
C GLY B 83 15.36 -20.68 -33.39
N CYS B 84 15.01 -20.30 -32.14
CA CYS B 84 15.58 -20.84 -30.90
C CYS B 84 14.45 -21.28 -29.94
N PRO B 85 13.57 -22.24 -30.31
CA PRO B 85 12.48 -22.62 -29.39
C PRO B 85 12.94 -23.40 -28.15
N GLU B 86 14.23 -23.77 -28.10
CA GLU B 86 14.86 -24.48 -26.97
C GLU B 86 15.23 -23.52 -25.83
N VAL B 87 15.33 -22.20 -26.11
CA VAL B 87 15.62 -21.16 -25.11
C VAL B 87 14.49 -21.19 -24.05
N PRO B 88 14.80 -21.44 -22.78
CA PRO B 88 13.74 -21.55 -21.77
C PRO B 88 12.96 -20.25 -21.51
N VAL B 89 11.64 -20.37 -21.40
CA VAL B 89 10.77 -19.25 -20.99
C VAL B 89 10.18 -19.65 -19.61
N ALA B 90 10.50 -18.85 -18.57
CA ALA B 90 9.99 -19.12 -17.22
C ALA B 90 8.96 -18.01 -16.87
N GLU B 91 7.72 -18.42 -16.57
CA GLU B 91 6.64 -17.50 -16.23
C GLU B 91 6.80 -16.99 -14.79
N GLY B 92 6.69 -15.69 -14.63
CA GLY B 92 6.84 -15.04 -13.33
C GLY B 92 5.53 -14.71 -12.66
N SER B 93 5.62 -13.75 -11.74
CA SER B 93 4.49 -13.32 -10.94
C SER B 93 3.35 -12.72 -11.76
N HIS B 94 2.12 -13.03 -11.35
CA HIS B 94 0.91 -12.52 -12.00
C HIS B 94 0.50 -11.16 -11.40
N GLU B 95 1.17 -10.70 -10.31
CA GLU B 95 0.80 -9.45 -9.64
C GLU B 95 2.01 -8.85 -8.92
N PRO B 96 1.98 -7.56 -8.53
CA PRO B 96 3.12 -7.00 -7.77
C PRO B 96 3.16 -7.60 -6.35
N LEU B 97 4.26 -7.32 -5.62
CA LEU B 97 4.47 -7.79 -4.28
C LEU B 97 3.34 -7.45 -3.32
N LYS B 98 2.74 -6.24 -3.46
CA LYS B 98 1.62 -5.78 -2.62
C LYS B 98 0.29 -6.44 -3.00
N GLY B 99 0.22 -7.08 -4.16
CA GLY B 99 -0.97 -7.80 -4.61
C GLY B 99 -1.93 -6.97 -5.42
N GLY B 100 -2.90 -7.65 -6.03
CA GLY B 100 -3.92 -7.04 -6.86
C GLY B 100 -3.67 -7.28 -8.34
N LYS B 101 -4.75 -7.62 -9.08
CA LYS B 101 -4.63 -7.87 -10.51
C LYS B 101 -4.20 -6.57 -11.22
N PRO B 102 -3.02 -6.56 -11.90
CA PRO B 102 -2.57 -5.31 -12.51
C PRO B 102 -3.38 -4.89 -13.72
N ARG B 103 -3.58 -3.58 -13.85
CA ARG B 103 -4.20 -2.95 -15.01
C ARG B 103 -3.03 -2.88 -16.01
N VAL B 104 -3.25 -3.33 -17.22
CA VAL B 104 -2.17 -3.42 -18.22
C VAL B 104 -2.27 -2.30 -19.27
N ALA B 105 -1.12 -1.95 -19.86
CA ALA B 105 -1.01 -0.91 -20.88
C ALA B 105 -1.43 -1.37 -22.30
N ASP B 106 -2.70 -1.84 -22.42
CA ASP B 106 -3.26 -2.27 -23.72
C ASP B 106 -3.47 -1.09 -24.71
N PHE B 107 -3.56 0.13 -24.19
CA PHE B 107 -3.69 1.37 -24.96
C PHE B 107 -2.32 1.79 -25.57
N VAL B 108 -1.21 1.16 -25.13
CA VAL B 108 0.14 1.39 -25.63
C VAL B 108 0.61 0.21 -26.51
N HIS B 109 0.39 -1.03 -26.04
CA HIS B 109 0.89 -2.24 -26.70
C HIS B 109 -0.16 -3.13 -27.34
N GLY B 110 -1.43 -2.74 -27.30
CA GLY B 110 -2.50 -3.56 -27.86
C GLY B 110 -2.99 -4.59 -26.86
N SER B 111 -4.16 -5.21 -27.14
CA SER B 111 -4.82 -6.22 -26.30
C SER B 111 -3.98 -7.48 -26.16
N ASP B 112 -3.20 -7.83 -27.21
CA ASP B 112 -2.33 -9.02 -27.19
C ASP B 112 -0.90 -8.65 -26.74
N GLY B 113 -0.66 -7.37 -26.47
CA GLY B 113 0.65 -6.86 -26.05
C GLY B 113 1.65 -6.69 -27.20
N ILE B 114 1.30 -7.08 -28.43
CA ILE B 114 2.24 -6.92 -29.54
C ILE B 114 1.64 -6.11 -30.73
N GLY B 115 0.79 -5.14 -30.40
CA GLY B 115 0.18 -4.25 -31.39
C GLY B 115 -1.02 -4.78 -32.15
N ASN B 116 -1.79 -5.69 -31.52
CA ASN B 116 -3.02 -6.30 -32.07
C ASN B 116 -2.78 -7.06 -33.36
N LEU B 117 -1.80 -7.98 -33.34
CA LEU B 117 -1.50 -8.82 -34.49
C LEU B 117 -2.30 -10.13 -34.40
N PHE B 118 -2.71 -10.54 -33.17
CA PHE B 118 -3.50 -11.75 -32.87
C PHE B 118 -3.01 -12.97 -33.63
N LEU B 119 -1.80 -13.37 -33.33
CA LEU B 119 -1.10 -14.49 -33.97
C LEU B 119 -1.47 -15.84 -33.35
N PRO B 120 -1.35 -16.97 -34.11
CA PRO B 120 -1.59 -18.29 -33.50
C PRO B 120 -0.66 -18.56 -32.33
N ALA B 121 -1.13 -19.43 -31.39
CA ALA B 121 -0.44 -19.80 -30.17
C ALA B 121 0.89 -20.54 -30.43
N PRO B 122 1.90 -20.40 -29.55
CA PRO B 122 3.16 -21.13 -29.78
C PRO B 122 3.01 -22.64 -29.51
N SER B 123 3.90 -23.45 -30.12
CA SER B 123 3.98 -24.90 -29.94
C SER B 123 4.84 -25.19 -28.72
N ALA B 124 5.93 -24.41 -28.56
CA ALA B 124 6.84 -24.49 -27.42
C ALA B 124 6.09 -24.14 -26.14
N LYS B 125 6.48 -24.76 -25.04
CA LYS B 125 5.83 -24.52 -23.76
C LYS B 125 6.84 -23.93 -22.78
N LYS B 126 6.35 -23.19 -21.79
CA LYS B 126 7.16 -22.59 -20.75
C LYS B 126 7.79 -23.74 -19.88
N VAL B 127 8.88 -23.45 -19.14
CA VAL B 127 9.46 -24.43 -18.22
C VAL B 127 8.55 -24.53 -16.97
N GLU B 128 8.75 -25.55 -16.14
CA GLU B 128 7.95 -25.77 -14.93
C GLU B 128 8.21 -24.74 -13.83
N GLU B 129 9.48 -24.40 -13.60
CA GLU B 129 9.88 -23.47 -12.55
C GLU B 129 9.45 -22.02 -12.82
N SER B 130 9.18 -21.27 -11.73
CA SER B 130 8.80 -19.86 -11.81
C SER B 130 10.03 -19.05 -12.27
N ALA B 131 9.79 -17.80 -12.74
CA ALA B 131 10.86 -16.88 -13.14
C ALA B 131 11.84 -16.62 -11.98
N ALA B 132 11.31 -16.43 -10.74
CA ALA B 132 12.14 -16.21 -9.53
C ALA B 132 13.10 -17.39 -9.29
N ASP B 133 12.58 -18.62 -9.38
CA ASP B 133 13.40 -19.81 -9.16
C ASP B 133 14.43 -20.01 -10.28
N PHE B 134 14.04 -19.67 -11.51
CA PHE B 134 14.91 -19.74 -12.70
C PHE B 134 16.11 -18.79 -12.53
N LEU B 135 15.85 -17.54 -12.10
CA LEU B 135 16.86 -16.51 -11.84
C LEU B 135 17.86 -16.98 -10.80
N ILE B 136 17.36 -17.54 -9.68
CA ILE B 136 18.17 -18.07 -8.58
C ILE B 136 19.06 -19.20 -9.07
N ASN B 137 18.44 -20.18 -9.75
CA ASN B 137 19.15 -21.36 -10.23
C ASN B 137 20.25 -21.04 -11.22
N LYS B 138 19.98 -20.17 -12.22
CA LYS B 138 20.95 -19.86 -13.27
C LYS B 138 22.12 -19.04 -12.75
N VAL B 139 21.84 -18.15 -11.81
CA VAL B 139 22.83 -17.28 -11.18
C VAL B 139 23.71 -18.10 -10.23
N SER B 140 23.11 -19.09 -9.52
CA SER B 140 23.87 -19.99 -8.63
C SER B 140 24.72 -20.98 -9.42
N GLU B 141 24.24 -21.40 -10.62
CA GLU B 141 24.94 -22.32 -11.51
C GLU B 141 26.20 -21.66 -12.10
N PHE B 142 26.12 -20.36 -12.44
CA PHE B 142 27.24 -19.61 -13.02
C PHE B 142 27.50 -18.34 -12.20
N PRO B 143 28.03 -18.43 -10.94
CA PRO B 143 28.24 -17.20 -10.15
C PRO B 143 29.20 -16.20 -10.79
N GLY B 144 28.78 -14.93 -10.80
CA GLY B 144 29.51 -13.79 -11.35
C GLY B 144 29.53 -13.70 -12.86
N GLU B 145 28.79 -14.61 -13.57
CA GLU B 145 28.78 -14.67 -15.03
C GLU B 145 27.46 -14.27 -15.70
N VAL B 146 26.33 -14.36 -14.98
CA VAL B 146 25.01 -14.08 -15.57
C VAL B 146 24.54 -12.65 -15.33
N SER B 147 24.26 -11.95 -16.43
CA SER B 147 23.71 -10.60 -16.37
C SER B 147 22.21 -10.70 -16.56
N VAL B 148 21.49 -9.79 -15.88
CA VAL B 148 20.03 -9.76 -15.97
C VAL B 148 19.62 -8.42 -16.57
N LEU B 149 18.87 -8.47 -17.66
CA LEU B 149 18.31 -7.28 -18.28
C LEU B 149 16.80 -7.24 -17.89
N ALA B 150 16.43 -6.28 -17.06
CA ALA B 150 15.08 -6.11 -16.54
C ALA B 150 14.32 -5.06 -17.35
N LEU B 151 13.35 -5.53 -18.15
CA LEU B 151 12.55 -4.72 -19.07
C LEU B 151 11.11 -4.47 -18.62
N GLY B 152 10.73 -4.98 -17.46
CA GLY B 152 9.39 -4.78 -16.92
C GLY B 152 9.42 -4.49 -15.44
N PRO B 153 8.24 -4.52 -14.76
CA PRO B 153 8.23 -4.40 -13.27
C PRO B 153 9.21 -5.40 -12.65
N LEU B 154 9.82 -5.05 -11.52
CA LEU B 154 10.92 -5.83 -10.96
C LEU B 154 10.55 -6.95 -9.98
N THR B 155 9.27 -7.39 -9.97
CA THR B 155 8.71 -8.40 -9.06
C THR B 155 9.55 -9.69 -8.97
N ASN B 156 9.86 -10.33 -10.13
CA ASN B 156 10.62 -11.58 -10.18
C ASN B 156 12.03 -11.42 -9.60
N VAL B 157 12.68 -10.29 -9.90
CA VAL B 157 14.04 -9.96 -9.43
C VAL B 157 14.02 -9.77 -7.93
N ALA B 158 13.03 -9.03 -7.39
CA ALA B 158 12.88 -8.82 -5.94
C ALA B 158 12.57 -10.12 -5.21
N LEU B 159 11.72 -11.01 -5.82
CA LEU B 159 11.39 -12.32 -5.25
C LEU B 159 12.67 -13.15 -5.13
N ALA B 160 13.52 -13.13 -6.18
CA ALA B 160 14.79 -13.84 -6.22
C ALA B 160 15.74 -13.31 -5.11
N ILE B 161 15.82 -11.97 -4.95
CA ILE B 161 16.61 -11.30 -3.90
C ILE B 161 16.11 -11.69 -2.50
N LYS B 162 14.79 -11.68 -2.26
CA LYS B 162 14.23 -12.03 -0.95
C LYS B 162 14.42 -13.50 -0.57
N ARG B 163 14.18 -14.42 -1.53
CA ARG B 163 14.29 -15.86 -1.37
C ARG B 163 15.75 -16.35 -1.16
N ASP B 164 16.70 -15.77 -1.92
CA ASP B 164 18.10 -16.14 -1.87
C ASP B 164 18.96 -14.91 -1.51
N PRO B 165 19.49 -14.85 -0.26
CA PRO B 165 20.34 -13.70 0.13
C PRO B 165 21.69 -13.57 -0.60
N SER B 166 22.16 -14.64 -1.28
CA SER B 166 23.42 -14.56 -2.03
C SER B 166 23.22 -14.13 -3.51
N PHE B 167 21.94 -14.05 -3.98
CA PHE B 167 21.61 -13.67 -5.35
C PHE B 167 22.31 -12.39 -5.77
N ALA B 168 22.14 -11.30 -4.95
CA ALA B 168 22.71 -9.96 -5.20
C ALA B 168 24.21 -10.00 -5.45
N SER B 169 24.97 -10.85 -4.72
CA SER B 169 26.41 -10.94 -4.91
C SER B 169 26.82 -11.85 -6.08
N LYS B 170 25.99 -12.88 -6.39
CA LYS B 170 26.30 -13.84 -7.46
C LYS B 170 25.93 -13.33 -8.87
N VAL B 171 24.95 -12.40 -8.98
CA VAL B 171 24.57 -11.84 -10.28
C VAL B 171 25.70 -10.94 -10.82
N LYS B 172 26.09 -11.10 -12.11
CA LYS B 172 27.17 -10.28 -12.68
C LYS B 172 26.76 -8.79 -12.68
N LYS B 173 25.57 -8.50 -13.23
CA LYS B 173 25.03 -7.15 -13.34
C LYS B 173 23.54 -7.23 -13.60
N ILE B 174 22.81 -6.23 -13.08
CA ILE B 174 21.40 -6.08 -13.34
C ILE B 174 21.25 -4.73 -14.06
N VAL B 175 20.82 -4.77 -15.32
CA VAL B 175 20.55 -3.54 -16.07
C VAL B 175 19.04 -3.37 -16.05
N VAL B 176 18.59 -2.28 -15.44
CA VAL B 176 17.17 -1.98 -15.23
C VAL B 176 16.66 -0.88 -16.16
N LEU B 177 15.64 -1.20 -16.97
CA LEU B 177 14.95 -0.18 -17.75
C LEU B 177 13.83 0.25 -16.82
N GLY B 178 13.95 1.44 -16.25
CA GLY B 178 12.92 1.95 -15.35
C GLY B 178 13.31 3.23 -14.64
N GLY B 179 12.31 3.89 -14.10
CA GLY B 179 12.48 5.13 -13.38
C GLY B 179 12.51 6.36 -14.25
N ALA B 180 12.55 7.53 -13.59
CA ALA B 180 12.62 8.85 -14.22
C ALA B 180 13.38 9.69 -13.20
N PHE B 181 14.61 10.04 -13.54
CA PHE B 181 15.51 10.76 -12.63
C PHE B 181 15.54 12.21 -13.01
N PHE B 182 14.95 13.07 -12.14
CA PHE B 182 14.80 14.52 -12.36
C PHE B 182 14.08 14.80 -13.69
N ALA B 183 13.02 14.03 -13.97
CA ALA B 183 12.22 14.12 -15.19
C ALA B 183 10.82 13.54 -14.91
N ALA B 184 9.83 13.97 -15.71
CA ALA B 184 8.45 13.49 -15.57
C ALA B 184 8.33 11.98 -15.90
N GLY B 185 7.38 11.30 -15.27
CA GLY B 185 7.13 9.90 -15.56
C GLY B 185 6.26 9.77 -16.79
N ASN B 186 5.89 8.53 -17.14
CA ASN B 186 5.02 8.28 -18.30
C ASN B 186 3.66 7.72 -17.84
N VAL B 187 3.55 7.28 -16.56
CA VAL B 187 2.25 6.83 -16.01
C VAL B 187 1.50 8.10 -15.58
N ASN B 188 2.23 8.98 -14.92
CA ASN B 188 1.72 10.24 -14.40
C ASN B 188 2.99 11.10 -14.15
N PRO B 189 2.90 12.38 -13.76
CA PRO B 189 4.13 13.18 -13.57
C PRO B 189 5.22 12.56 -12.68
N ALA B 190 4.82 11.77 -11.68
CA ALA B 190 5.71 11.17 -10.70
C ALA B 190 6.43 9.91 -11.11
N ALA B 191 5.76 9.04 -11.87
CA ALA B 191 6.30 7.70 -12.06
C ALA B 191 6.36 7.15 -13.46
N GLU B 192 7.41 6.32 -13.67
CA GLU B 192 7.63 5.55 -14.89
C GLU B 192 6.88 4.19 -14.70
N ALA B 193 6.32 3.63 -15.81
CA ALA B 193 5.49 2.40 -15.81
C ALA B 193 6.07 1.16 -15.07
N ASN B 194 7.31 0.75 -15.40
CA ASN B 194 7.93 -0.42 -14.76
C ASN B 194 8.04 -0.29 -13.26
N ILE B 195 8.41 0.90 -12.78
CA ILE B 195 8.54 1.14 -11.34
C ILE B 195 7.15 1.22 -10.71
N HIS B 196 6.23 1.96 -11.34
CA HIS B 196 4.86 2.08 -10.85
C HIS B 196 4.12 0.70 -10.74
N GLY B 197 4.45 -0.24 -11.64
CA GLY B 197 3.92 -1.61 -11.67
C GLY B 197 4.22 -2.40 -10.38
N ASP B 198 5.39 -2.14 -9.77
CA ASP B 198 5.77 -2.73 -8.49
C ASP B 198 6.82 -1.85 -7.78
N PRO B 199 6.36 -0.81 -7.04
CA PRO B 199 7.32 0.06 -6.34
C PRO B 199 8.14 -0.64 -5.29
N GLU B 200 7.49 -1.52 -4.48
CA GLU B 200 8.16 -2.29 -3.41
C GLU B 200 9.27 -3.15 -4.00
N ALA B 201 8.97 -3.90 -5.11
CA ALA B 201 10.01 -4.72 -5.77
C ALA B 201 11.20 -3.86 -6.24
N ALA B 202 10.91 -2.67 -6.86
CA ALA B 202 11.94 -1.76 -7.35
C ALA B 202 12.84 -1.30 -6.19
N ASP B 203 12.23 -0.91 -5.04
CA ASP B 203 12.98 -0.46 -3.86
C ASP B 203 13.89 -1.59 -3.31
N ILE B 204 13.40 -2.84 -3.30
CA ILE B 204 14.15 -4.04 -2.89
C ILE B 204 15.38 -4.22 -3.83
N VAL B 205 15.16 -4.10 -5.16
CA VAL B 205 16.24 -4.26 -6.13
C VAL B 205 17.30 -3.15 -5.94
N PHE B 206 16.87 -1.89 -5.86
CA PHE B 206 17.79 -0.75 -5.76
C PHE B 206 18.61 -0.71 -4.47
N THR B 207 18.10 -1.32 -3.41
CA THR B 207 18.80 -1.34 -2.13
C THR B 207 19.48 -2.71 -1.84
N SER B 208 19.43 -3.67 -2.79
CA SER B 208 19.94 -5.04 -2.65
C SER B 208 21.47 -5.20 -2.52
N GLY B 209 22.24 -4.21 -2.98
CA GLY B 209 23.70 -4.23 -2.98
C GLY B 209 24.29 -4.92 -4.20
N ALA B 210 23.44 -5.29 -5.19
CA ALA B 210 23.91 -5.90 -6.43
C ALA B 210 24.53 -4.82 -7.35
N ASP B 211 25.34 -5.23 -8.35
CA ASP B 211 25.91 -4.32 -9.35
C ASP B 211 24.75 -3.98 -10.32
N ILE B 212 24.17 -2.78 -10.12
CA ILE B 212 23.00 -2.33 -10.87
C ILE B 212 23.26 -1.07 -11.69
N VAL B 213 22.68 -1.06 -12.89
CA VAL B 213 22.67 0.06 -13.81
C VAL B 213 21.18 0.39 -14.06
N VAL B 214 20.77 1.64 -13.86
CA VAL B 214 19.38 2.04 -14.11
C VAL B 214 19.32 3.04 -15.27
N VAL B 215 18.46 2.74 -16.25
CA VAL B 215 18.25 3.56 -17.45
C VAL B 215 16.86 4.13 -17.34
N GLY B 216 16.79 5.41 -16.99
CA GLY B 216 15.52 6.09 -16.79
C GLY B 216 14.97 6.76 -18.03
N ILE B 217 13.78 7.32 -17.87
CA ILE B 217 13.05 8.02 -18.90
C ILE B 217 13.82 9.29 -19.40
N ASN B 218 14.58 9.90 -18.49
CA ASN B 218 15.46 11.04 -18.72
C ASN B 218 16.43 10.71 -19.85
N ILE B 219 16.78 9.43 -20.02
CA ILE B 219 17.66 8.95 -21.08
C ILE B 219 16.90 8.52 -22.33
N THR B 220 15.91 7.63 -22.18
CA THR B 220 15.20 7.00 -23.30
C THR B 220 14.37 7.96 -24.17
N THR B 221 13.88 9.08 -23.63
CA THR B 221 13.14 10.06 -24.43
C THR B 221 14.06 10.78 -25.46
N GLN B 222 15.40 10.73 -25.21
CA GLN B 222 16.43 11.28 -26.11
C GLN B 222 16.71 10.39 -27.33
N VAL B 223 16.30 9.10 -27.30
CA VAL B 223 16.58 8.11 -28.35
C VAL B 223 15.29 7.71 -29.05
N CYS B 224 15.14 8.11 -30.32
CA CYS B 224 13.93 7.92 -31.12
C CYS B 224 14.16 7.31 -32.50
N LEU B 225 13.09 6.68 -33.03
CA LEU B 225 12.98 6.21 -34.41
C LEU B 225 11.82 7.03 -34.97
N THR B 226 12.09 7.89 -35.93
CA THR B 226 11.06 8.71 -36.58
C THR B 226 10.24 7.82 -37.54
N ASP B 227 9.14 8.36 -38.09
CA ASP B 227 8.33 7.67 -39.11
C ASP B 227 9.22 7.28 -40.33
N GLU B 228 10.19 8.16 -40.66
CA GLU B 228 11.15 7.94 -41.76
C GLU B 228 12.05 6.72 -41.41
N ASP B 229 12.57 6.66 -40.16
CA ASP B 229 13.38 5.54 -39.65
C ASP B 229 12.61 4.20 -39.68
N LEU B 230 11.30 4.25 -39.36
CA LEU B 230 10.42 3.08 -39.37
C LEU B 230 10.20 2.54 -40.77
N LEU B 231 10.08 3.46 -41.76
CA LEU B 231 9.94 3.11 -43.18
C LEU B 231 11.24 2.48 -43.70
N GLU B 232 12.40 3.01 -43.26
CA GLU B 232 13.74 2.50 -43.57
C GLU B 232 13.84 1.03 -43.09
N LEU B 233 13.30 0.74 -41.87
CA LEU B 233 13.25 -0.62 -41.32
C LEU B 233 12.35 -1.51 -42.18
N ARG B 234 11.12 -1.04 -42.53
CA ARG B 234 10.18 -1.79 -43.39
C ARG B 234 10.84 -2.19 -44.73
N ASN B 235 11.59 -1.24 -45.33
CA ASN B 235 12.26 -1.43 -46.62
C ASN B 235 13.62 -2.14 -46.54
N SER B 236 14.09 -2.43 -45.32
CA SER B 236 15.38 -3.10 -45.10
C SER B 236 15.36 -4.62 -45.36
N LYS B 237 16.54 -5.25 -45.25
CA LYS B 237 16.73 -6.69 -45.41
C LYS B 237 16.76 -7.42 -44.05
N GLY B 238 16.30 -6.74 -42.99
CA GLY B 238 16.22 -7.28 -41.63
C GLY B 238 15.41 -8.55 -41.57
N LYS B 239 15.94 -9.57 -40.86
CA LYS B 239 15.31 -10.90 -40.71
C LYS B 239 13.85 -10.82 -40.25
N HIS B 240 13.55 -9.89 -39.36
CA HIS B 240 12.21 -9.69 -38.77
C HIS B 240 11.63 -8.31 -39.08
N ALA B 241 12.20 -7.61 -40.08
CA ALA B 241 11.79 -6.27 -40.51
C ALA B 241 10.27 -6.12 -40.69
N ALA B 242 9.61 -7.05 -41.40
CA ALA B 242 8.15 -7.00 -41.63
C ALA B 242 7.35 -7.11 -40.33
N PHE B 243 7.74 -8.04 -39.43
CA PHE B 243 7.10 -8.25 -38.14
C PHE B 243 7.31 -7.04 -37.23
N LEU B 244 8.54 -6.52 -37.16
CA LEU B 244 8.90 -5.35 -36.34
C LEU B 244 8.11 -4.11 -36.78
N TYR B 245 8.00 -3.89 -38.11
CA TYR B 245 7.23 -2.77 -38.65
C TYR B 245 5.74 -2.89 -38.30
N GLU B 246 5.16 -4.10 -38.46
CA GLU B 246 3.76 -4.38 -38.15
C GLU B 246 3.39 -4.12 -36.68
N MET B 247 4.25 -4.53 -35.74
CA MET B 247 4.06 -4.32 -34.29
C MET B 247 4.09 -2.83 -33.98
N CYS B 248 5.06 -2.11 -34.58
CA CYS B 248 5.32 -0.69 -34.34
C CYS B 248 4.21 0.27 -34.81
N LYS B 249 3.30 -0.15 -35.70
CA LYS B 249 2.21 0.71 -36.15
C LYS B 249 1.35 1.21 -34.98
N PHE B 250 0.89 0.28 -34.10
CA PHE B 250 0.08 0.59 -32.93
C PHE B 250 0.87 1.44 -31.92
N TYR B 251 2.14 1.06 -31.69
CA TYR B 251 3.08 1.70 -30.75
C TYR B 251 3.31 3.16 -31.13
N ARG B 252 3.58 3.41 -32.43
CA ARG B 252 3.77 4.73 -33.04
C ARG B 252 2.51 5.61 -32.88
N ASP B 253 1.30 5.06 -33.16
CA ASP B 253 0.02 5.78 -33.00
C ASP B 253 -0.18 6.27 -31.55
N TRP B 254 0.28 5.50 -30.52
CA TRP B 254 0.19 5.92 -29.12
C TRP B 254 1.11 7.12 -28.87
N HIS B 255 2.37 7.06 -29.38
CA HIS B 255 3.34 8.15 -29.24
C HIS B 255 2.80 9.44 -29.87
N ALA B 256 2.14 9.33 -31.04
CA ALA B 256 1.54 10.48 -31.75
C ALA B 256 0.36 11.06 -30.95
N LYS B 257 -0.49 10.20 -30.38
CA LYS B 257 -1.66 10.61 -29.59
C LYS B 257 -1.29 11.24 -28.23
N SER B 258 -0.37 10.60 -27.49
CA SER B 258 -0.01 11.01 -26.15
C SER B 258 1.15 12.01 -26.07
N ASP B 259 2.30 11.66 -26.66
CA ASP B 259 3.50 12.48 -26.59
C ASP B 259 3.57 13.52 -27.71
N GLY B 260 2.77 13.32 -28.76
CA GLY B 260 2.77 14.19 -29.93
C GLY B 260 3.98 13.92 -30.81
N PHE B 261 4.61 12.74 -30.65
CA PHE B 261 5.80 12.36 -31.40
C PHE B 261 5.46 11.43 -32.57
N HIS B 262 5.88 11.81 -33.79
CA HIS B 262 5.66 11.02 -35.01
C HIS B 262 6.79 10.01 -35.20
N GLY B 263 6.62 8.91 -34.49
CA GLY B 263 7.57 7.81 -34.44
C GLY B 263 7.45 7.12 -33.10
N ILE B 264 8.55 6.51 -32.62
CA ILE B 264 8.56 5.80 -31.34
C ILE B 264 9.79 6.15 -30.52
N PHE B 265 9.66 6.07 -29.18
CA PHE B 265 10.84 6.21 -28.31
C PHE B 265 11.38 4.78 -28.23
N LEU B 266 12.69 4.66 -28.08
CA LEU B 266 13.34 3.37 -27.92
C LEU B 266 13.73 3.32 -26.46
N HIS B 267 13.03 2.49 -25.69
CA HIS B 267 13.29 2.39 -24.26
C HIS B 267 13.99 1.05 -23.94
N ASP B 268 13.32 -0.08 -24.17
CA ASP B 268 13.92 -1.40 -23.91
C ASP B 268 15.16 -1.62 -24.80
N PRO B 269 15.18 -1.24 -26.11
CA PRO B 269 16.42 -1.40 -26.89
C PRO B 269 17.58 -0.54 -26.37
N VAL B 270 17.31 0.64 -25.75
CA VAL B 270 18.37 1.49 -25.16
C VAL B 270 18.99 0.78 -23.95
N SER B 271 18.20 0.10 -23.11
CA SER B 271 18.75 -0.61 -21.94
C SER B 271 19.61 -1.81 -22.38
N PHE B 272 19.23 -2.47 -23.50
CA PHE B 272 20.04 -3.56 -24.08
C PHE B 272 21.37 -3.00 -24.56
N THR B 273 21.36 -1.77 -25.14
CA THR B 273 22.57 -1.08 -25.62
C THR B 273 23.49 -0.83 -24.42
N ALA B 274 22.91 -0.48 -23.24
CA ALA B 274 23.68 -0.24 -22.01
C ALA B 274 24.39 -1.50 -21.48
N VAL B 275 23.84 -2.70 -21.80
CA VAL B 275 24.45 -3.99 -21.43
C VAL B 275 25.73 -4.19 -22.25
N LEU B 276 25.64 -4.07 -23.58
CA LEU B 276 26.72 -4.34 -24.53
C LEU B 276 27.68 -3.21 -24.74
N HIS B 277 27.16 -1.96 -24.73
CA HIS B 277 28.00 -0.77 -24.92
C HIS B 277 27.78 0.29 -23.82
N PRO B 278 28.18 -0.01 -22.56
CA PRO B 278 28.05 1.04 -21.51
C PRO B 278 28.87 2.30 -21.80
N GLU B 279 29.86 2.21 -22.71
CA GLU B 279 30.71 3.36 -23.11
C GLU B 279 29.92 4.41 -23.95
N TYR B 280 28.70 4.07 -24.42
CA TYR B 280 27.83 4.99 -25.19
C TYR B 280 27.04 5.91 -24.21
N PHE B 281 27.30 5.77 -22.91
CA PHE B 281 26.63 6.51 -21.84
C PHE B 281 27.63 7.01 -20.82
N THR B 282 27.20 7.97 -20.00
CA THR B 282 27.93 8.39 -18.81
C THR B 282 26.99 8.05 -17.67
N PHE B 283 27.54 7.76 -16.50
CA PHE B 283 26.75 7.36 -15.35
C PHE B 283 27.13 8.16 -14.13
N LYS B 284 26.20 8.25 -13.18
CA LYS B 284 26.45 8.87 -11.88
C LYS B 284 26.14 7.78 -10.85
N LYS B 285 26.96 7.66 -9.83
CA LYS B 285 26.78 6.70 -8.75
C LYS B 285 26.02 7.38 -7.61
N GLY B 286 25.08 6.66 -7.00
CA GLY B 286 24.29 7.18 -5.88
C GLY B 286 23.18 6.27 -5.41
N VAL B 287 22.72 6.49 -4.16
CA VAL B 287 21.64 5.67 -3.62
C VAL B 287 20.33 6.07 -4.27
N VAL B 288 19.57 5.07 -4.74
CA VAL B 288 18.24 5.24 -5.31
C VAL B 288 17.20 4.60 -4.38
N ARG B 289 16.15 5.38 -4.07
CA ARG B 289 15.03 4.93 -3.28
C ARG B 289 13.79 5.12 -4.12
N VAL B 290 12.78 4.28 -3.88
CA VAL B 290 11.50 4.34 -4.57
C VAL B 290 10.40 4.67 -3.56
N GLU B 291 9.57 5.67 -3.88
CA GLU B 291 8.39 6.01 -3.10
C GLU B 291 7.32 4.92 -3.37
N THR B 292 6.74 4.36 -2.30
CA THR B 292 5.79 3.26 -2.38
C THR B 292 4.35 3.66 -2.02
N GLN B 293 4.14 4.88 -1.52
CA GLN B 293 2.80 5.31 -1.14
C GLN B 293 2.54 6.77 -1.58
N GLY B 294 1.28 7.21 -1.48
CA GLY B 294 0.83 8.55 -1.78
C GLY B 294 0.84 8.92 -3.26
N ILE B 295 0.71 10.21 -3.53
CA ILE B 295 0.63 10.74 -4.91
C ILE B 295 1.91 10.47 -5.70
N CYS B 296 3.07 10.31 -5.01
CA CYS B 296 4.34 10.04 -5.68
C CYS B 296 4.73 8.54 -5.70
N THR B 297 3.76 7.64 -5.48
CA THR B 297 4.01 6.18 -5.58
C THR B 297 4.70 5.92 -6.94
N GLY B 298 5.79 5.16 -6.91
CA GLY B 298 6.55 4.79 -8.08
C GLY B 298 7.64 5.76 -8.46
N HIS B 299 7.78 6.89 -7.73
CA HIS B 299 8.81 7.89 -8.01
C HIS B 299 10.21 7.36 -7.63
N THR B 300 11.18 7.49 -8.54
CA THR B 300 12.58 7.10 -8.34
C THR B 300 13.40 8.37 -8.06
N LEU B 301 14.21 8.32 -7.01
CA LEU B 301 15.00 9.45 -6.57
C LEU B 301 16.39 9.01 -6.13
N MET B 302 17.40 9.62 -6.72
CA MET B 302 18.79 9.33 -6.42
C MET B 302 19.42 10.42 -5.56
N ASP B 303 20.33 10.02 -4.63
CA ASP B 303 21.12 10.97 -3.87
C ASP B 303 22.50 10.88 -4.49
N GLN B 304 22.92 11.89 -5.26
CA GLN B 304 24.26 11.94 -5.88
C GLN B 304 25.40 12.00 -4.85
N GLY B 305 25.08 12.38 -3.61
CA GLY B 305 26.05 12.47 -2.52
C GLY B 305 26.97 13.67 -2.61
N LEU B 306 26.56 14.71 -3.35
CA LEU B 306 27.35 15.92 -3.51
C LEU B 306 27.12 16.94 -2.39
N LYS B 307 26.11 16.73 -1.56
CA LYS B 307 25.76 17.60 -0.46
C LYS B 307 25.89 16.80 0.85
N LYS B 308 26.62 17.38 1.81
CA LYS B 308 26.78 16.82 3.14
C LYS B 308 25.53 17.13 3.96
N TRP B 309 24.73 16.11 4.26
CA TRP B 309 23.51 16.25 5.06
C TRP B 309 23.84 16.41 6.53
N ASN B 310 23.04 17.22 7.24
CA ASN B 310 23.28 17.46 8.66
C ASN B 310 22.94 16.23 9.51
N SER B 311 21.94 15.46 9.07
CA SER B 311 21.48 14.26 9.77
C SER B 311 21.12 13.19 8.75
N GLU B 312 20.91 11.96 9.19
CA GLU B 312 20.57 10.82 8.34
C GLU B 312 19.19 10.94 7.69
N ASN B 313 19.00 10.22 6.58
CA ASN B 313 17.74 10.26 5.85
C ASN B 313 17.50 8.93 5.15
N PRO B 314 16.36 8.70 4.44
CA PRO B 314 16.17 7.38 3.77
C PRO B 314 17.20 6.99 2.69
N TRP B 315 18.07 7.90 2.29
CA TRP B 315 19.11 7.64 1.29
C TRP B 315 20.43 7.26 1.99
N SER B 316 20.48 7.38 3.35
CA SER B 316 21.68 7.02 4.13
C SER B 316 21.94 5.52 4.26
N GLY B 317 23.22 5.17 4.24
CA GLY B 317 23.72 3.82 4.50
C GLY B 317 23.54 2.72 3.49
N TYR B 318 22.90 2.99 2.35
CA TYR B 318 22.76 1.95 1.33
C TYR B 318 23.94 1.99 0.37
N LYS B 319 24.15 0.92 -0.40
CA LYS B 319 25.22 0.87 -1.38
C LYS B 319 24.72 1.64 -2.62
N PRO B 320 25.55 2.55 -3.18
CA PRO B 320 25.12 3.29 -4.38
C PRO B 320 25.00 2.38 -5.61
N ILE B 321 24.21 2.80 -6.58
CA ILE B 321 24.05 2.09 -7.85
C ILE B 321 24.39 3.06 -8.97
N SER B 322 24.48 2.57 -10.20
CA SER B 322 24.86 3.36 -11.35
C SER B 322 23.65 3.84 -12.14
N VAL B 323 23.49 5.17 -12.24
CA VAL B 323 22.35 5.77 -12.94
C VAL B 323 22.83 6.41 -14.25
N ALA B 324 22.28 5.96 -15.41
CA ALA B 324 22.66 6.52 -16.73
C ALA B 324 22.28 8.02 -16.72
N TRP B 325 23.27 8.88 -16.97
CA TRP B 325 23.13 10.32 -16.88
C TRP B 325 23.09 11.02 -18.24
N THR B 326 23.93 10.58 -19.18
CA THR B 326 23.95 11.09 -20.55
C THR B 326 24.02 9.90 -21.51
N VAL B 327 23.65 10.15 -22.77
CA VAL B 327 23.62 9.14 -23.83
C VAL B 327 24.18 9.73 -25.14
N ASP B 328 25.04 8.97 -25.82
CA ASP B 328 25.57 9.34 -27.15
C ASP B 328 24.49 8.81 -28.11
N VAL B 329 23.48 9.65 -28.39
CA VAL B 329 22.31 9.36 -29.22
C VAL B 329 22.69 8.80 -30.61
N PRO B 330 23.60 9.41 -31.42
CA PRO B 330 23.94 8.81 -32.74
C PRO B 330 24.49 7.38 -32.61
N LYS B 331 25.39 7.14 -31.64
CA LYS B 331 25.99 5.82 -31.41
C LYS B 331 24.97 4.77 -30.98
N VAL B 332 24.03 5.14 -30.09
CA VAL B 332 22.99 4.22 -29.62
C VAL B 332 22.00 3.89 -30.78
N ILE B 333 21.54 4.90 -31.53
CA ILE B 333 20.63 4.72 -32.68
C ILE B 333 21.27 3.82 -33.74
N SER B 334 22.56 4.06 -34.05
CA SER B 334 23.33 3.28 -35.04
C SER B 334 23.39 1.79 -34.66
N PHE B 335 23.67 1.50 -33.37
CA PHE B 335 23.74 0.15 -32.84
C PHE B 335 22.38 -0.59 -32.90
N ILE B 336 21.29 0.11 -32.56
CA ILE B 336 19.94 -0.47 -32.56
C ILE B 336 19.51 -0.77 -33.99
N LYS B 337 19.64 0.23 -34.89
CA LYS B 337 19.30 0.06 -36.32
C LYS B 337 20.05 -1.13 -36.95
N LYS B 338 21.35 -1.29 -36.61
CA LYS B 338 22.22 -2.38 -37.10
C LYS B 338 21.62 -3.75 -36.75
N LEU B 339 21.15 -3.91 -35.51
CA LEU B 339 20.57 -5.16 -35.06
C LEU B 339 19.18 -5.40 -35.63
N LEU B 340 18.32 -4.37 -35.68
CA LEU B 340 16.96 -4.46 -36.25
C LEU B 340 16.96 -4.76 -37.77
N MET B 341 17.99 -4.28 -38.49
CA MET B 341 18.08 -4.45 -39.94
C MET B 341 19.06 -5.57 -40.38
N ALA B 342 19.62 -6.34 -39.41
CA ALA B 342 20.55 -7.44 -39.71
C ALA B 342 19.81 -8.60 -40.41
N PRO B 343 20.31 -9.12 -41.56
CA PRO B 343 19.58 -10.18 -42.29
C PRO B 343 19.61 -11.55 -41.61
N ARG C 27 -17.81 4.33 44.01
CA ARG C 27 -16.36 4.26 43.78
C ARG C 27 -16.04 4.59 42.33
N ARG C 28 -15.08 5.53 42.10
CA ARG C 28 -14.61 5.87 40.74
C ARG C 28 -13.58 4.86 40.27
N ASP C 29 -13.76 4.36 39.04
CA ASP C 29 -12.87 3.39 38.41
C ASP C 29 -11.73 4.14 37.72
N LYS C 30 -10.47 3.83 38.11
CA LYS C 30 -9.27 4.46 37.54
C LYS C 30 -9.06 3.97 36.10
N LEU C 31 -8.91 4.92 35.17
CA LEU C 31 -8.77 4.59 33.75
C LEU C 31 -7.66 5.38 33.08
N ILE C 32 -6.85 4.67 32.28
CA ILE C 32 -5.82 5.24 31.40
C ILE C 32 -6.35 5.00 29.99
N ILE C 33 -6.37 6.05 29.17
CA ILE C 33 -6.79 5.93 27.77
C ILE C 33 -5.54 6.03 26.89
N ASP C 34 -5.19 4.93 26.17
CA ASP C 34 -4.08 4.87 25.21
C ASP C 34 -4.74 5.13 23.86
N THR C 35 -4.37 6.24 23.23
CA THR C 35 -5.12 6.75 22.08
C THR C 35 -4.30 7.45 21.01
N ASP C 36 -4.86 7.53 19.79
CA ASP C 36 -4.27 8.23 18.63
C ASP C 36 -5.30 9.32 18.15
N PRO C 37 -5.68 10.32 18.98
CA PRO C 37 -6.75 11.25 18.54
C PRO C 37 -6.42 12.10 17.29
N GLY C 38 -7.19 11.94 16.19
CA GLY C 38 -8.31 11.00 16.03
C GLY C 38 -9.67 11.58 16.37
N ILE C 39 -10.62 11.53 15.43
CA ILE C 39 -11.97 12.10 15.62
C ILE C 39 -12.81 11.28 16.61
N ASP C 40 -12.96 9.96 16.41
CA ASP C 40 -13.74 9.16 17.35
C ASP C 40 -13.05 9.02 18.71
N ASP C 41 -11.69 9.06 18.75
CA ASP C 41 -10.89 9.05 19.98
C ASP C 41 -11.24 10.29 20.81
N SER C 42 -11.31 11.45 20.16
CA SER C 42 -11.61 12.74 20.76
C SER C 42 -13.01 12.75 21.38
N MET C 43 -14.02 12.19 20.67
CA MET C 43 -15.39 12.04 21.16
C MET C 43 -15.38 11.20 22.45
N THR C 44 -14.64 10.07 22.44
CA THR C 44 -14.48 9.13 23.56
C THR C 44 -13.85 9.81 24.79
N ILE C 45 -12.74 10.56 24.59
CA ILE C 45 -12.03 11.25 25.67
C ILE C 45 -12.96 12.28 26.33
N LEU C 46 -13.66 13.10 25.51
CA LEU C 46 -14.59 14.09 26.03
C LEU C 46 -15.75 13.46 26.80
N MET C 47 -16.24 12.28 26.33
CA MET C 47 -17.30 11.49 26.98
C MET C 47 -16.78 10.99 28.33
N ALA C 48 -15.55 10.42 28.33
CA ALA C 48 -14.90 9.87 29.53
C ALA C 48 -14.73 10.92 30.63
N PHE C 49 -14.39 12.16 30.25
CA PHE C 49 -14.23 13.26 31.18
C PHE C 49 -15.57 13.66 31.84
N ARG C 50 -16.68 13.43 31.12
CA ARG C 50 -18.04 13.76 31.59
C ARG C 50 -18.71 12.60 32.36
N ALA C 51 -18.13 11.39 32.30
CA ALA C 51 -18.62 10.18 33.00
C ALA C 51 -18.23 10.25 34.50
N PRO C 52 -19.22 10.40 35.42
CA PRO C 52 -18.89 10.53 36.85
C PRO C 52 -18.26 9.31 37.52
N SER C 53 -18.60 8.10 37.07
CA SER C 53 -18.08 6.87 37.65
C SER C 53 -16.63 6.53 37.23
N VAL C 54 -16.03 7.36 36.37
CA VAL C 54 -14.68 7.17 35.83
C VAL C 54 -13.73 8.25 36.34
N GLU C 55 -12.51 7.83 36.72
CA GLU C 55 -11.42 8.73 37.07
C GLU C 55 -10.30 8.54 36.02
N ILE C 56 -10.14 9.52 35.10
CA ILE C 56 -9.08 9.45 34.08
C ILE C 56 -7.78 9.85 34.77
N ILE C 57 -6.84 8.91 34.90
CA ILE C 57 -5.59 9.22 35.59
C ILE C 57 -4.49 9.57 34.58
N GLY C 58 -4.79 9.42 33.29
CA GLY C 58 -3.87 9.79 32.22
C GLY C 58 -4.29 9.42 30.82
N LEU C 59 -3.70 10.15 29.85
CA LEU C 59 -3.86 9.87 28.42
C LEU C 59 -2.47 9.51 27.92
N THR C 60 -2.35 8.38 27.22
CA THR C 60 -1.08 7.93 26.64
C THR C 60 -1.27 7.94 25.13
N THR C 61 -0.34 8.54 24.39
CA THR C 61 -0.55 8.69 22.95
C THR C 61 0.29 7.75 22.10
N ILE C 62 -0.27 7.45 20.94
CA ILE C 62 0.32 6.58 19.92
C ILE C 62 -0.03 7.12 18.52
N PHE C 63 0.67 6.62 17.48
CA PHE C 63 0.45 7.01 16.09
C PHE C 63 -0.79 6.23 15.58
N GLY C 64 -1.20 6.48 14.35
CA GLY C 64 -2.28 5.72 13.70
C GLY C 64 -3.10 6.63 12.82
N ASN C 65 -4.05 7.35 13.46
CA ASN C 65 -4.90 8.32 12.75
C ASN C 65 -4.08 9.52 12.32
N VAL C 66 -3.00 9.79 13.07
CA VAL C 66 -2.08 10.93 12.95
C VAL C 66 -0.74 10.49 13.55
N ASP C 67 0.37 11.22 13.29
CA ASP C 67 1.68 10.88 13.88
C ASP C 67 1.59 11.10 15.39
N THR C 68 2.43 10.39 16.17
CA THR C 68 2.42 10.46 17.64
C THR C 68 2.46 11.91 18.15
N LYS C 69 3.30 12.77 17.59
CA LYS C 69 3.40 14.19 18.00
C LYS C 69 2.07 14.95 17.81
N GLY C 70 1.34 14.62 16.74
CA GLY C 70 0.03 15.19 16.46
C GLY C 70 -1.02 14.67 17.44
N ALA C 71 -0.95 13.36 17.80
CA ALA C 71 -1.85 12.72 18.78
C ALA C 71 -1.67 13.40 20.15
N THR C 72 -0.40 13.66 20.54
CA THR C 72 -0.03 14.33 21.80
C THR C 72 -0.62 15.74 21.85
N ARG C 73 -0.42 16.52 20.78
CA ARG C 73 -0.95 17.88 20.67
C ARG C 73 -2.48 17.87 20.85
N ASN C 74 -3.18 16.94 20.19
CA ASN C 74 -4.63 16.78 20.28
C ASN C 74 -5.09 16.35 21.67
N ALA C 75 -4.38 15.39 22.32
CA ALA C 75 -4.72 14.91 23.68
C ALA C 75 -4.59 16.05 24.68
N LEU C 76 -3.51 16.85 24.56
CA LEU C 76 -3.27 18.01 25.42
C LEU C 76 -4.41 19.04 25.26
N LEU C 77 -4.84 19.28 24.00
CA LEU C 77 -5.93 20.20 23.68
C LEU C 77 -7.27 19.68 24.21
N LEU C 78 -7.49 18.35 24.24
CA LEU C 78 -8.71 17.73 24.78
C LEU C 78 -8.81 17.91 26.30
N CYS C 79 -7.68 17.76 27.02
CA CYS C 79 -7.58 17.98 28.47
C CYS C 79 -7.96 19.44 28.78
N GLU C 80 -7.44 20.40 27.98
CA GLU C 80 -7.72 21.84 28.12
C GLU C 80 -9.19 22.12 27.83
N ARG C 81 -9.74 21.54 26.74
CA ARG C 81 -11.14 21.71 26.35
C ARG C 81 -12.10 21.18 27.43
N ALA C 82 -11.77 20.02 28.05
CA ALA C 82 -12.56 19.40 29.10
C ALA C 82 -12.45 20.11 30.46
N GLY C 83 -11.59 21.12 30.55
CA GLY C 83 -11.33 21.89 31.76
C GLY C 83 -10.49 21.15 32.77
N CYS C 84 -9.67 20.17 32.31
CA CYS C 84 -8.78 19.36 33.15
C CYS C 84 -7.35 19.37 32.58
N PRO C 85 -6.66 20.54 32.48
CA PRO C 85 -5.30 20.54 31.90
C PRO C 85 -4.23 19.88 32.78
N GLU C 86 -4.60 19.52 34.02
CA GLU C 86 -3.72 18.86 34.99
C GLU C 86 -3.59 17.35 34.73
N VAL C 87 -4.57 16.75 33.98
CA VAL C 87 -4.58 15.33 33.63
C VAL C 87 -3.31 15.05 32.81
N PRO C 88 -2.43 14.12 33.27
CA PRO C 88 -1.18 13.89 32.54
C PRO C 88 -1.34 13.31 31.14
N VAL C 89 -0.56 13.82 30.17
CA VAL C 89 -0.51 13.29 28.80
C VAL C 89 0.92 12.75 28.62
N ALA C 90 1.05 11.44 28.40
CA ALA C 90 2.35 10.80 28.20
C ALA C 90 2.48 10.36 26.74
N GLU C 91 3.51 10.87 26.04
CA GLU C 91 3.76 10.56 24.65
C GLU C 91 4.39 9.17 24.50
N GLY C 92 3.83 8.37 23.59
CA GLY C 92 4.31 7.03 23.36
C GLY C 92 5.21 6.89 22.15
N SER C 93 5.26 5.66 21.62
CA SER C 93 6.10 5.31 20.49
C SER C 93 5.75 6.06 19.21
N HIS C 94 6.78 6.46 18.47
CA HIS C 94 6.62 7.16 17.19
C HIS C 94 6.50 6.17 16.03
N GLU C 95 6.87 4.90 16.27
CA GLU C 95 6.91 3.85 15.22
C GLU C 95 6.37 2.53 15.76
N PRO C 96 5.86 1.60 14.93
CA PRO C 96 5.51 0.27 15.47
C PRO C 96 6.76 -0.49 15.96
N LEU C 97 6.58 -1.63 16.66
CA LEU C 97 7.66 -2.46 17.19
C LEU C 97 8.68 -2.86 16.13
N LYS C 98 8.21 -3.23 14.92
CA LYS C 98 9.05 -3.64 13.79
C LYS C 98 9.89 -2.46 13.19
N GLY C 99 9.63 -1.23 13.62
CA GLY C 99 10.32 -0.05 13.13
C GLY C 99 9.73 0.52 11.86
N GLY C 100 10.28 1.64 11.41
CA GLY C 100 9.85 2.35 10.22
C GLY C 100 8.79 3.39 10.52
N LYS C 101 8.74 4.47 9.71
CA LYS C 101 7.78 5.59 9.82
C LYS C 101 6.38 5.09 9.44
N PRO C 102 5.40 5.20 10.36
CA PRO C 102 4.05 4.68 10.03
C PRO C 102 3.29 5.58 9.05
N ARG C 103 2.45 4.95 8.25
CA ARG C 103 1.56 5.65 7.31
C ARG C 103 0.35 6.03 8.17
N VAL C 104 -0.11 7.28 8.12
CA VAL C 104 -1.23 7.72 8.95
C VAL C 104 -2.51 7.91 8.15
N ALA C 105 -3.66 7.69 8.80
CA ALA C 105 -5.00 7.76 8.18
C ALA C 105 -5.53 9.19 8.06
N ASP C 106 -4.78 10.05 7.35
CA ASP C 106 -5.18 11.46 7.11
C ASP C 106 -6.41 11.57 6.18
N PHE C 107 -6.69 10.53 5.39
CA PHE C 107 -7.84 10.44 4.49
C PHE C 107 -9.13 10.12 5.29
N VAL C 108 -9.00 9.72 6.58
CA VAL C 108 -10.10 9.38 7.47
C VAL C 108 -10.26 10.49 8.53
N HIS C 109 -9.15 10.93 9.15
CA HIS C 109 -9.18 11.89 10.24
C HIS C 109 -8.63 13.29 9.95
N GLY C 110 -8.21 13.56 8.71
CA GLY C 110 -7.65 14.86 8.36
C GLY C 110 -6.17 14.92 8.64
N SER C 111 -5.50 15.92 8.10
CA SER C 111 -4.05 16.19 8.20
C SER C 111 -3.63 16.48 9.64
N ASP C 112 -4.51 17.08 10.44
CA ASP C 112 -4.25 17.39 11.85
C ASP C 112 -4.79 16.28 12.80
N GLY C 113 -5.45 15.28 12.21
CA GLY C 113 -6.04 14.17 12.94
C GLY C 113 -7.38 14.47 13.58
N ILE C 114 -7.87 15.72 13.47
CA ILE C 114 -9.16 16.07 14.08
C ILE C 114 -10.13 16.71 13.05
N GLY C 115 -10.04 16.27 11.80
CA GLY C 115 -10.92 16.72 10.73
C GLY C 115 -10.60 18.06 10.10
N ASN C 116 -9.31 18.44 10.08
CA ASN C 116 -8.80 19.66 9.45
C ASN C 116 -9.38 20.95 10.07
N LEU C 117 -9.32 21.05 11.40
CA LEU C 117 -9.79 22.23 12.10
C LEU C 117 -8.65 23.23 12.28
N PHE C 118 -7.37 22.74 12.28
CA PHE C 118 -6.13 23.52 12.39
C PHE C 118 -6.23 24.56 13.51
N LEU C 119 -6.38 24.04 14.74
CA LEU C 119 -6.57 24.86 15.94
C LEU C 119 -5.23 25.30 16.59
N PRO C 120 -5.20 26.42 17.35
CA PRO C 120 -3.93 26.82 18.01
C PRO C 120 -3.40 25.76 18.98
N ALA C 121 -2.07 25.77 19.17
CA ALA C 121 -1.33 24.84 20.02
C ALA C 121 -1.70 24.91 21.51
N PRO C 122 -1.62 23.80 22.27
CA PRO C 122 -1.97 23.86 23.70
C PRO C 122 -0.89 24.57 24.53
N SER C 123 -1.29 25.09 25.71
CA SER C 123 -0.40 25.71 26.68
C SER C 123 0.18 24.62 27.59
N ALA C 124 -0.65 23.61 27.92
CA ALA C 124 -0.26 22.48 28.75
C ALA C 124 0.79 21.66 28.01
N LYS C 125 1.71 21.04 28.77
CA LYS C 125 2.78 20.24 28.16
C LYS C 125 2.65 18.79 28.58
N LYS C 126 3.19 17.88 27.76
CA LYS C 126 3.20 16.44 28.05
C LYS C 126 4.12 16.19 29.26
N VAL C 127 3.96 15.03 29.94
CA VAL C 127 4.85 14.66 31.05
C VAL C 127 6.19 14.18 30.45
N GLU C 128 7.24 14.07 31.28
CA GLU C 128 8.58 13.66 30.83
C GLU C 128 8.64 12.18 30.42
N GLU C 129 8.05 11.30 31.25
CA GLU C 129 8.04 9.86 31.03
C GLU C 129 7.26 9.43 29.78
N SER C 130 7.72 8.36 29.14
CA SER C 130 7.07 7.79 27.95
C SER C 130 5.73 7.15 28.37
N ALA C 131 4.84 6.88 27.39
CA ALA C 131 3.56 6.24 27.64
C ALA C 131 3.75 4.85 28.28
N ALA C 132 4.76 4.05 27.80
CA ALA C 132 5.07 2.72 28.33
C ALA C 132 5.45 2.80 29.80
N ASP C 133 6.31 3.75 30.18
CA ASP C 133 6.72 3.92 31.57
C ASP C 133 5.58 4.43 32.45
N PHE C 134 4.71 5.31 31.90
CA PHE C 134 3.53 5.83 32.58
C PHE C 134 2.56 4.68 32.94
N LEU C 135 2.30 3.77 31.97
CA LEU C 135 1.45 2.60 32.13
C LEU C 135 1.97 1.71 33.25
N ILE C 136 3.28 1.40 33.21
CA ILE C 136 3.97 0.58 34.21
C ILE C 136 3.87 1.21 35.61
N ASN C 137 4.16 2.51 35.72
CA ASN C 137 4.14 3.22 37.00
C ASN C 137 2.76 3.32 37.64
N LYS C 138 1.72 3.66 36.83
CA LYS C 138 0.36 3.82 37.38
C LYS C 138 -0.28 2.50 37.81
N VAL C 139 -0.03 1.42 37.07
CA VAL C 139 -0.53 0.08 37.35
C VAL C 139 0.22 -0.51 38.58
N SER C 140 1.53 -0.18 38.74
CA SER C 140 2.31 -0.63 39.90
C SER C 140 1.90 0.14 41.17
N GLU C 141 1.50 1.41 41.01
CA GLU C 141 1.06 2.29 42.10
C GLU C 141 -0.27 1.81 42.68
N PHE C 142 -1.20 1.36 41.80
CA PHE C 142 -2.53 0.87 42.21
C PHE C 142 -2.77 -0.53 41.63
N PRO C 143 -2.09 -1.59 42.13
CA PRO C 143 -2.29 -2.94 41.54
C PRO C 143 -3.72 -3.45 41.64
N GLY C 144 -4.23 -3.95 40.52
CA GLY C 144 -5.57 -4.51 40.38
C GLY C 144 -6.69 -3.50 40.28
N GLU C 145 -6.34 -2.19 40.25
CA GLU C 145 -7.33 -1.10 40.23
C GLU C 145 -7.40 -0.28 38.91
N VAL C 146 -6.32 -0.27 38.12
CA VAL C 146 -6.27 0.56 36.90
C VAL C 146 -6.65 -0.22 35.65
N SER C 147 -7.66 0.31 34.93
CA SER C 147 -8.10 -0.25 33.67
C SER C 147 -7.49 0.57 32.55
N VAL C 148 -7.18 -0.10 31.44
CA VAL C 148 -6.59 0.55 30.27
C VAL C 148 -7.56 0.43 29.11
N LEU C 149 -7.93 1.57 28.51
CA LEU C 149 -8.77 1.61 27.33
C LEU C 149 -7.84 1.92 26.13
N ALA C 150 -7.61 0.91 25.26
CA ALA C 150 -6.71 1.01 24.12
C ALA C 150 -7.49 1.34 22.85
N LEU C 151 -7.35 2.56 22.35
CA LEU C 151 -8.05 3.11 21.20
C LEU C 151 -7.20 3.25 19.95
N GLY C 152 -5.94 2.83 20.01
CA GLY C 152 -5.06 2.89 18.85
C GLY C 152 -4.20 1.65 18.72
N PRO C 153 -3.15 1.67 17.85
CA PRO C 153 -2.20 0.54 17.81
C PRO C 153 -1.69 0.23 19.21
N LEU C 154 -1.40 -1.05 19.48
CA LEU C 154 -1.08 -1.50 20.82
C LEU C 154 0.40 -1.42 21.26
N THR C 155 1.23 -0.66 20.53
CA THR C 155 2.68 -0.50 20.76
C THR C 155 3.06 -0.18 22.21
N ASN C 156 2.46 0.85 22.82
CA ASN C 156 2.77 1.27 24.21
C ASN C 156 2.42 0.19 25.23
N VAL C 157 1.27 -0.51 25.00
CA VAL C 157 0.78 -1.58 25.87
C VAL C 157 1.75 -2.77 25.80
N ALA C 158 2.18 -3.16 24.58
CA ALA C 158 3.12 -4.25 24.37
C ALA C 158 4.49 -3.90 24.98
N LEU C 159 4.95 -2.65 24.84
CA LEU C 159 6.22 -2.19 25.41
C LEU C 159 6.20 -2.33 26.93
N ALA C 160 5.05 -1.93 27.56
CA ALA C 160 4.82 -2.04 29.00
C ALA C 160 4.90 -3.49 29.43
N ILE C 161 4.20 -4.42 28.68
CA ILE C 161 4.18 -5.86 28.90
C ILE C 161 5.59 -6.46 28.81
N LYS C 162 6.37 -6.08 27.78
CA LYS C 162 7.73 -6.61 27.60
C LYS C 162 8.71 -6.12 28.68
N ARG C 163 8.62 -4.84 29.05
CA ARG C 163 9.48 -4.19 30.05
C ARG C 163 9.20 -4.64 31.49
N ASP C 164 7.90 -4.85 31.85
CA ASP C 164 7.46 -5.28 33.19
C ASP C 164 6.70 -6.60 33.09
N PRO C 165 7.34 -7.73 33.50
CA PRO C 165 6.65 -9.05 33.41
C PRO C 165 5.40 -9.20 34.28
N SER C 166 5.30 -8.40 35.37
CA SER C 166 4.17 -8.42 36.31
C SER C 166 3.03 -7.49 35.86
N PHE C 167 3.21 -6.78 34.72
CA PHE C 167 2.22 -5.85 34.18
C PHE C 167 0.87 -6.51 33.91
N ALA C 168 0.86 -7.63 33.19
CA ALA C 168 -0.39 -8.34 32.82
C ALA C 168 -1.28 -8.74 34.02
N SER C 169 -0.67 -9.06 35.18
CA SER C 169 -1.39 -9.44 36.40
C SER C 169 -1.81 -8.23 37.23
N LYS C 170 -1.04 -7.12 37.16
CA LYS C 170 -1.31 -5.91 37.93
C LYS C 170 -2.38 -5.01 37.30
N VAL C 171 -2.58 -5.11 35.98
CA VAL C 171 -3.59 -4.29 35.27
C VAL C 171 -5.00 -4.86 35.54
N LYS C 172 -5.98 -4.02 35.95
CA LYS C 172 -7.33 -4.53 36.28
C LYS C 172 -7.97 -5.17 35.04
N LYS C 173 -8.04 -4.41 33.95
CA LYS C 173 -8.62 -4.82 32.68
C LYS C 173 -7.98 -4.01 31.54
N ILE C 174 -7.89 -4.61 30.34
CA ILE C 174 -7.46 -3.94 29.11
C ILE C 174 -8.62 -4.09 28.14
N VAL C 175 -9.31 -2.98 27.84
CA VAL C 175 -10.39 -2.99 26.84
C VAL C 175 -9.75 -2.47 25.54
N VAL C 176 -9.71 -3.32 24.53
CA VAL C 176 -9.09 -3.07 23.23
C VAL C 176 -10.10 -2.79 22.15
N LEU C 177 -10.02 -1.58 21.53
CA LEU C 177 -10.79 -1.29 20.32
C LEU C 177 -9.85 -1.76 19.19
N GLY C 178 -10.20 -2.86 18.56
CA GLY C 178 -9.38 -3.39 17.48
C GLY C 178 -9.79 -4.77 17.02
N GLY C 179 -9.33 -5.11 15.82
CA GLY C 179 -9.58 -6.41 15.21
C GLY C 179 -10.90 -6.48 14.47
N ALA C 180 -11.11 -7.61 13.80
CA ALA C 180 -12.30 -7.93 13.02
C ALA C 180 -12.42 -9.43 13.13
N PHE C 181 -13.42 -9.88 13.89
CA PHE C 181 -13.60 -11.30 14.18
C PHE C 181 -14.69 -11.84 13.30
N PHE C 182 -14.32 -12.70 12.32
CA PHE C 182 -15.23 -13.30 11.33
C PHE C 182 -16.04 -12.21 10.58
N ALA C 183 -15.34 -11.13 10.23
CA ALA C 183 -15.85 -9.96 9.48
C ALA C 183 -14.69 -9.28 8.76
N ALA C 184 -15.01 -8.53 7.71
CA ALA C 184 -14.02 -7.80 6.92
C ALA C 184 -13.35 -6.69 7.77
N GLY C 185 -12.05 -6.49 7.60
CA GLY C 185 -11.35 -5.39 8.28
C GLY C 185 -11.66 -4.05 7.60
N ASN C 186 -10.99 -2.96 8.00
CA ASN C 186 -11.22 -1.63 7.37
C ASN C 186 -10.01 -1.11 6.58
N VAL C 187 -8.82 -1.67 6.81
CA VAL C 187 -7.62 -1.32 6.04
C VAL C 187 -7.72 -2.06 4.69
N ASN C 188 -8.12 -3.32 4.77
CA ASN C 188 -8.27 -4.23 3.63
C ASN C 188 -9.18 -5.36 4.13
N PRO C 189 -9.62 -6.35 3.30
CA PRO C 189 -10.52 -7.40 3.80
C PRO C 189 -10.05 -8.14 5.05
N ALA C 190 -8.72 -8.27 5.24
CA ALA C 190 -8.14 -9.02 6.34
C ALA C 190 -7.98 -8.30 7.66
N ALA C 191 -7.72 -6.99 7.63
CA ALA C 191 -7.29 -6.32 8.85
C ALA C 191 -7.96 -5.00 9.18
N GLU C 192 -8.11 -4.80 10.49
CA GLU C 192 -8.61 -3.56 11.11
C GLU C 192 -7.36 -2.66 11.38
N ALA C 193 -7.52 -1.33 11.26
CA ALA C 193 -6.46 -0.32 11.35
C ALA C 193 -5.54 -0.41 12.58
N ASN C 194 -6.10 -0.48 13.82
CA ASN C 194 -5.28 -0.52 15.05
C ASN C 194 -4.37 -1.72 15.09
N ILE C 195 -4.89 -2.87 14.69
CA ILE C 195 -4.09 -4.10 14.67
C ILE C 195 -3.07 -4.05 13.53
N HIS C 196 -3.50 -3.63 12.33
CA HIS C 196 -2.62 -3.52 11.16
C HIS C 196 -1.45 -2.54 11.42
N GLY C 197 -1.74 -1.49 12.21
CA GLY C 197 -0.78 -0.48 12.67
C GLY C 197 0.43 -1.08 13.39
N ASP C 198 0.19 -2.17 14.19
CA ASP C 198 1.27 -2.89 14.87
C ASP C 198 0.83 -4.32 15.20
N PRO C 199 0.94 -5.25 14.22
CA PRO C 199 0.49 -6.64 14.46
C PRO C 199 1.25 -7.35 15.57
N GLU C 200 2.60 -7.16 15.63
CA GLU C 200 3.47 -7.76 16.64
C GLU C 200 3.04 -7.31 18.04
N ALA C 201 2.75 -5.99 18.18
CA ALA C 201 2.29 -5.44 19.46
C ALA C 201 0.96 -6.05 19.89
N ALA C 202 0.00 -6.17 18.94
CA ALA C 202 -1.30 -6.74 19.21
C ALA C 202 -1.18 -8.19 19.69
N ASP C 203 -0.33 -8.99 18.99
CA ASP C 203 -0.12 -10.37 19.37
C ASP C 203 0.49 -10.50 20.79
N ILE C 204 1.44 -9.61 21.16
CA ILE C 204 2.03 -9.60 22.51
C ILE C 204 0.91 -9.33 23.55
N VAL C 205 0.03 -8.36 23.29
CA VAL C 205 -1.07 -8.03 24.19
C VAL C 205 -2.05 -9.21 24.34
N PHE C 206 -2.49 -9.81 23.23
CA PHE C 206 -3.49 -10.89 23.26
C PHE C 206 -2.99 -12.20 23.89
N THR C 207 -1.67 -12.44 23.89
CA THR C 207 -1.06 -13.64 24.47
C THR C 207 -0.35 -13.30 25.81
N SER C 208 -0.60 -12.10 26.41
CA SER C 208 0.03 -11.64 27.68
C SER C 208 -0.52 -12.29 28.98
N GLY C 209 -1.74 -12.82 28.93
CA GLY C 209 -2.37 -13.39 30.12
C GLY C 209 -3.17 -12.38 30.94
N ALA C 210 -3.24 -11.12 30.49
CA ALA C 210 -3.98 -10.07 31.19
C ALA C 210 -5.50 -10.26 30.97
N ASP C 211 -6.33 -9.61 31.82
CA ASP C 211 -7.79 -9.64 31.66
C ASP C 211 -8.11 -8.66 30.53
N ILE C 212 -8.35 -9.23 29.33
CA ILE C 212 -8.58 -8.45 28.11
C ILE C 212 -9.95 -8.65 27.53
N VAL C 213 -10.54 -7.53 27.05
CA VAL C 213 -11.80 -7.47 26.33
C VAL C 213 -11.49 -6.86 24.96
N VAL C 214 -11.84 -7.54 23.86
CA VAL C 214 -11.57 -7.00 22.51
C VAL C 214 -12.90 -6.69 21.83
N VAL C 215 -13.04 -5.43 21.34
CA VAL C 215 -14.21 -4.93 20.62
C VAL C 215 -13.79 -4.75 19.16
N GLY C 216 -14.20 -5.69 18.32
CA GLY C 216 -13.87 -5.70 16.92
C GLY C 216 -14.85 -4.92 16.06
N ILE C 217 -14.48 -4.76 14.79
CA ILE C 217 -15.28 -4.08 13.78
C ILE C 217 -16.64 -4.81 13.54
N ASN C 218 -16.68 -6.15 13.77
CA ASN C 218 -17.90 -6.99 13.72
C ASN C 218 -18.98 -6.40 14.67
N ILE C 219 -18.53 -5.71 15.73
CA ILE C 219 -19.41 -5.06 16.71
C ILE C 219 -19.69 -3.59 16.35
N THR C 220 -18.64 -2.80 16.15
CA THR C 220 -18.72 -1.35 15.95
C THR C 220 -19.46 -0.92 14.68
N THR C 221 -19.48 -1.73 13.62
CA THR C 221 -20.22 -1.35 12.40
C THR C 221 -21.74 -1.40 12.65
N GLN C 222 -22.18 -2.08 13.73
CA GLN C 222 -23.59 -2.18 14.14
C GLN C 222 -24.08 -0.92 14.86
N VAL C 223 -23.15 -0.06 15.35
CA VAL C 223 -23.47 1.14 16.13
C VAL C 223 -23.12 2.40 15.34
N CYS C 224 -24.16 3.14 14.91
CA CYS C 224 -24.02 4.31 14.04
C CYS C 224 -24.72 5.57 14.53
N LEU C 225 -24.22 6.72 14.04
CA LEU C 225 -24.84 8.03 14.16
C LEU C 225 -25.11 8.45 12.71
N THR C 226 -26.37 8.54 12.33
CA THR C 226 -26.77 8.96 10.98
C THR C 226 -26.54 10.49 10.83
N ASP C 227 -26.71 11.04 9.60
CA ASP C 227 -26.63 12.50 9.37
C ASP C 227 -27.67 13.21 10.24
N GLU C 228 -28.87 12.59 10.42
CA GLU C 228 -29.95 13.10 11.26
C GLU C 228 -29.48 13.16 12.73
N ASP C 229 -28.83 12.08 13.24
CA ASP C 229 -28.27 12.00 14.59
C ASP C 229 -27.18 13.07 14.81
N LEU C 230 -26.34 13.34 13.78
CA LEU C 230 -25.28 14.35 13.84
C LEU C 230 -25.85 15.77 13.93
N LEU C 231 -26.96 16.02 13.22
CA LEU C 231 -27.68 17.30 13.24
C LEU C 231 -28.31 17.50 14.62
N GLU C 232 -28.88 16.42 15.21
CA GLU C 232 -29.47 16.39 16.56
C GLU C 232 -28.38 16.79 17.58
N LEU C 233 -27.13 16.29 17.41
CA LEU C 233 -25.98 16.64 18.24
C LEU C 233 -25.64 18.13 18.07
N ARG C 234 -25.54 18.64 16.81
CA ARG C 234 -25.26 20.05 16.51
C ARG C 234 -26.27 20.97 17.19
N ASN C 235 -27.56 20.61 17.14
CA ASN C 235 -28.66 21.39 17.72
C ASN C 235 -28.90 21.15 19.22
N SER C 236 -28.14 20.23 19.84
CA SER C 236 -28.27 19.89 21.26
C SER C 236 -27.62 20.91 22.19
N LYS C 237 -27.78 20.69 23.51
CA LYS C 237 -27.20 21.53 24.55
C LYS C 237 -25.89 20.94 25.09
N GLY C 238 -25.30 19.99 24.35
CA GLY C 238 -24.05 19.32 24.69
C GLY C 238 -22.92 20.31 24.87
N LYS C 239 -22.12 20.13 25.94
CA LYS C 239 -20.98 20.98 26.31
C LYS C 239 -20.00 21.18 25.14
N HIS C 240 -19.70 20.10 24.39
CA HIS C 240 -18.76 20.11 23.27
C HIS C 240 -19.46 19.84 21.93
N ALA C 241 -20.81 19.98 21.88
CA ALA C 241 -21.62 19.73 20.68
C ALA C 241 -21.09 20.40 19.39
N ALA C 242 -20.73 21.70 19.44
CA ALA C 242 -20.22 22.44 18.28
C ALA C 242 -18.88 21.89 17.77
N PHE C 243 -17.95 21.58 18.70
CA PHE C 243 -16.63 21.03 18.40
C PHE C 243 -16.75 19.63 17.83
N LEU C 244 -17.59 18.78 18.46
CA LEU C 244 -17.84 17.39 18.04
C LEU C 244 -18.43 17.36 16.63
N TYR C 245 -19.41 18.23 16.35
CA TYR C 245 -20.03 18.32 15.02
C TYR C 245 -19.02 18.76 13.95
N GLU C 246 -18.18 19.78 14.27
CA GLU C 246 -17.16 20.30 13.36
C GLU C 246 -16.12 19.24 12.97
N MET C 247 -15.64 18.43 13.93
CA MET C 247 -14.69 17.33 13.70
C MET C 247 -15.31 16.26 12.82
N CYS C 248 -16.57 15.92 13.07
CA CYS C 248 -17.31 14.86 12.41
C CYS C 248 -17.64 15.12 10.94
N LYS C 249 -17.57 16.37 10.46
CA LYS C 249 -17.83 16.68 9.04
C LYS C 249 -16.92 15.88 8.10
N PHE C 250 -15.60 15.93 8.35
CA PHE C 250 -14.59 15.22 7.59
C PHE C 250 -14.76 13.69 7.73
N TYR C 251 -14.97 13.21 8.98
CA TYR C 251 -15.12 11.81 9.34
C TYR C 251 -16.32 11.20 8.60
N ARG C 252 -17.47 11.91 8.60
CA ARG C 252 -18.71 11.53 7.92
C ARG C 252 -18.49 11.45 6.40
N ASP C 253 -17.71 12.38 5.83
CA ASP C 253 -17.44 12.42 4.40
C ASP C 253 -16.67 11.19 3.95
N TRP C 254 -15.75 10.70 4.80
CA TRP C 254 -15.00 9.44 4.54
C TRP C 254 -15.97 8.24 4.53
N HIS C 255 -16.86 8.15 5.53
CA HIS C 255 -17.84 7.05 5.63
C HIS C 255 -18.74 7.01 4.38
N ALA C 256 -19.17 8.20 3.89
CA ALA C 256 -20.00 8.34 2.69
C ALA C 256 -19.25 7.90 1.43
N LYS C 257 -17.98 8.30 1.31
CA LYS C 257 -17.12 7.99 0.17
C LYS C 257 -16.74 6.50 0.10
N SER C 258 -16.29 5.95 1.24
CA SER C 258 -15.76 4.59 1.32
C SER C 258 -16.80 3.52 1.61
N ASP C 259 -17.54 3.66 2.73
CA ASP C 259 -18.52 2.67 3.17
C ASP C 259 -19.89 2.87 2.53
N GLY C 260 -20.13 4.07 1.99
CA GLY C 260 -21.42 4.43 1.42
C GLY C 260 -22.44 4.73 2.51
N PHE C 261 -21.96 5.01 3.73
CA PHE C 261 -22.82 5.30 4.86
C PHE C 261 -22.94 6.81 5.11
N HIS C 262 -24.17 7.33 5.15
CA HIS C 262 -24.44 8.75 5.40
C HIS C 262 -24.53 8.99 6.89
N GLY C 263 -23.36 9.14 7.49
CA GLY C 263 -23.17 9.34 8.92
C GLY C 263 -21.81 8.81 9.32
N ILE C 264 -21.67 8.34 10.57
CA ILE C 264 -20.41 7.80 11.08
C ILE C 264 -20.64 6.51 11.87
N PHE C 265 -19.64 5.64 11.89
CA PHE C 265 -19.67 4.46 12.76
C PHE C 265 -19.09 4.98 14.08
N LEU C 266 -19.54 4.42 15.20
CA LEU C 266 -19.02 4.74 16.52
C LEU C 266 -18.16 3.56 16.90
N HIS C 267 -16.83 3.77 16.93
CA HIS C 267 -15.92 2.68 17.24
C HIS C 267 -15.30 2.89 18.62
N ASP C 268 -14.49 3.96 18.80
CA ASP C 268 -13.88 4.25 20.10
C ASP C 268 -14.96 4.51 21.18
N PRO C 269 -16.08 5.25 20.90
CA PRO C 269 -17.13 5.38 21.94
C PRO C 269 -17.81 4.04 22.34
N VAL C 270 -17.88 3.05 21.40
CA VAL C 270 -18.44 1.73 21.71
C VAL C 270 -17.52 0.96 22.69
N SER C 271 -16.18 1.07 22.53
CA SER C 271 -15.25 0.39 23.44
C SER C 271 -15.30 1.02 24.83
N PHE C 272 -15.55 2.35 24.91
CA PHE C 272 -15.72 3.03 26.19
C PHE C 272 -17.00 2.53 26.88
N THR C 273 -18.08 2.28 26.08
CA THR C 273 -19.35 1.73 26.58
C THR C 273 -19.08 0.35 27.17
N ALA C 274 -18.17 -0.45 26.56
CA ALA C 274 -17.82 -1.79 27.06
C ALA C 274 -17.09 -1.77 28.41
N VAL C 275 -16.40 -0.64 28.71
CA VAL C 275 -15.71 -0.45 29.99
C VAL C 275 -16.76 -0.28 31.11
N LEU C 276 -17.71 0.66 30.91
CA LEU C 276 -18.73 1.04 31.90
C LEU C 276 -19.95 0.15 31.93
N HIS C 277 -20.39 -0.34 30.77
CA HIS C 277 -21.55 -1.20 30.66
C HIS C 277 -21.26 -2.48 29.87
N PRO C 278 -20.41 -3.40 30.40
CA PRO C 278 -20.19 -4.67 29.70
C PRO C 278 -21.46 -5.52 29.54
N GLU C 279 -22.52 -5.24 30.35
CA GLU C 279 -23.81 -5.92 30.27
C GLU C 279 -24.60 -5.58 29.00
N TYR C 280 -24.19 -4.53 28.24
CA TYR C 280 -24.81 -4.14 26.97
C TYR C 280 -24.28 -5.03 25.81
N PHE C 281 -23.44 -6.00 26.14
CA PHE C 281 -22.79 -6.90 25.19
C PHE C 281 -22.80 -8.32 25.70
N THR C 282 -22.54 -9.27 24.78
CA THR C 282 -22.29 -10.65 25.15
C THR C 282 -20.88 -10.89 24.63
N PHE C 283 -20.15 -11.76 25.31
CA PHE C 283 -18.78 -12.05 24.97
C PHE C 283 -18.56 -13.53 24.81
N LYS C 284 -17.55 -13.89 24.05
CA LYS C 284 -17.13 -15.29 23.91
C LYS C 284 -15.66 -15.30 24.35
N LYS C 285 -15.28 -16.33 25.09
CA LYS C 285 -13.93 -16.50 25.58
C LYS C 285 -13.20 -17.40 24.60
N GLY C 286 -11.95 -17.07 24.33
CA GLY C 286 -11.12 -17.82 23.41
C GLY C 286 -9.77 -17.19 23.19
N VAL C 287 -8.82 -18.02 22.77
CA VAL C 287 -7.47 -17.58 22.45
C VAL C 287 -7.51 -16.73 21.15
N VAL C 288 -6.85 -15.56 21.16
CA VAL C 288 -6.76 -14.70 19.98
C VAL C 288 -5.29 -14.60 19.55
N ARG C 289 -5.03 -14.88 18.29
CA ARG C 289 -3.70 -14.71 17.67
C ARG C 289 -3.80 -13.68 16.54
N VAL C 290 -2.69 -12.97 16.30
CA VAL C 290 -2.61 -11.95 15.23
C VAL C 290 -1.60 -12.38 14.18
N GLU C 291 -2.02 -12.39 12.90
CA GLU C 291 -1.14 -12.69 11.77
C GLU C 291 -0.22 -11.46 11.56
N THR C 292 1.10 -11.70 11.48
CA THR C 292 2.10 -10.62 11.38
C THR C 292 2.77 -10.51 9.99
N GLN C 293 2.52 -11.49 9.10
CA GLN C 293 3.10 -11.54 7.77
C GLN C 293 2.08 -11.94 6.69
N GLY C 294 2.46 -11.75 5.43
CA GLY C 294 1.65 -12.12 4.27
C GLY C 294 0.45 -11.25 3.99
N ILE C 295 -0.45 -11.75 3.11
CA ILE C 295 -1.64 -10.97 2.72
C ILE C 295 -2.59 -10.75 3.90
N CYS C 296 -2.56 -11.62 4.93
CA CYS C 296 -3.42 -11.49 6.10
C CYS C 296 -2.74 -10.78 7.28
N THR C 297 -1.62 -10.06 7.05
CA THR C 297 -0.98 -9.25 8.12
C THR C 297 -2.07 -8.39 8.80
N GLY C 298 -2.11 -8.44 10.14
CA GLY C 298 -3.04 -7.69 10.95
C GLY C 298 -4.36 -8.38 11.20
N HIS C 299 -4.58 -9.58 10.64
CA HIS C 299 -5.78 -10.37 10.87
C HIS C 299 -5.84 -10.91 12.31
N THR C 300 -6.99 -10.70 12.98
CA THR C 300 -7.26 -11.20 14.33
C THR C 300 -8.15 -12.43 14.21
N LEU C 301 -7.67 -13.56 14.77
CA LEU C 301 -8.39 -14.81 14.70
C LEU C 301 -8.54 -15.47 16.08
N MET C 302 -9.78 -15.74 16.45
CA MET C 302 -10.10 -16.34 17.75
C MET C 302 -10.43 -17.85 17.67
N ASP C 303 -9.93 -18.64 18.63
CA ASP C 303 -10.28 -20.05 18.76
C ASP C 303 -11.36 -20.09 19.86
N GLN C 304 -12.60 -20.36 19.50
CA GLN C 304 -13.69 -20.46 20.48
C GLN C 304 -13.53 -21.73 21.38
N GLY C 305 -12.70 -22.69 20.93
CA GLY C 305 -12.44 -23.94 21.62
C GLY C 305 -13.59 -24.93 21.57
N LEU C 306 -14.46 -24.80 20.54
CA LEU C 306 -15.62 -25.67 20.37
C LEU C 306 -15.29 -26.99 19.65
N LYS C 307 -14.11 -27.04 19.01
CA LYS C 307 -13.65 -28.23 18.31
C LYS C 307 -12.36 -28.72 18.96
N LYS C 308 -12.28 -30.03 19.25
CA LYS C 308 -11.10 -30.63 19.84
C LYS C 308 -10.11 -30.92 18.71
N TRP C 309 -8.99 -30.21 18.71
CA TRP C 309 -7.96 -30.34 17.66
C TRP C 309 -7.17 -31.62 17.81
N ASN C 310 -6.84 -32.26 16.67
CA ASN C 310 -6.07 -33.49 16.66
C ASN C 310 -4.62 -33.26 17.07
N SER C 311 -4.07 -32.10 16.71
CA SER C 311 -2.70 -31.74 17.03
C SER C 311 -2.59 -30.27 17.46
N GLU C 312 -1.45 -29.91 18.06
CA GLU C 312 -1.16 -28.57 18.53
C GLU C 312 -1.06 -27.58 17.37
N ASN C 313 -1.48 -26.34 17.63
CA ASN C 313 -1.49 -25.29 16.63
C ASN C 313 -1.15 -23.95 17.29
N PRO C 314 -0.98 -22.86 16.50
CA PRO C 314 -0.65 -21.56 17.12
C PRO C 314 -1.64 -21.02 18.17
N TRP C 315 -2.90 -21.54 18.25
CA TRP C 315 -3.88 -21.11 19.27
C TRP C 315 -3.83 -21.99 20.56
N SER C 316 -2.95 -23.00 20.57
CA SER C 316 -2.81 -23.92 21.71
C SER C 316 -1.94 -23.37 22.87
N GLY C 317 -2.40 -23.59 24.09
CA GLY C 317 -1.66 -23.26 25.30
C GLY C 317 -1.69 -21.83 25.81
N TYR C 318 -2.39 -20.92 25.12
CA TYR C 318 -2.47 -19.54 25.59
C TYR C 318 -3.68 -19.37 26.49
N LYS C 319 -3.69 -18.32 27.30
CA LYS C 319 -4.83 -18.02 28.15
C LYS C 319 -5.88 -17.33 27.26
N PRO C 320 -7.17 -17.76 27.33
CA PRO C 320 -8.20 -17.11 26.50
C PRO C 320 -8.48 -15.68 26.95
N ILE C 321 -9.06 -14.89 26.05
CA ILE C 321 -9.46 -13.51 26.32
C ILE C 321 -10.93 -13.37 25.97
N SER C 322 -11.54 -12.24 26.34
CA SER C 322 -12.95 -11.99 26.10
C SER C 322 -13.17 -11.21 24.81
N VAL C 323 -13.95 -11.77 23.87
CA VAL C 323 -14.21 -11.12 22.59
C VAL C 323 -15.67 -10.72 22.52
N ALA C 324 -15.98 -9.42 22.34
CA ALA C 324 -17.37 -8.94 22.21
C ALA C 324 -18.02 -9.63 20.99
N TRP C 325 -19.13 -10.30 21.21
CA TRP C 325 -19.80 -11.11 20.21
C TRP C 325 -21.10 -10.51 19.73
N THR C 326 -21.92 -9.94 20.65
CA THR C 326 -23.17 -9.27 20.31
C THR C 326 -23.22 -7.95 21.06
N VAL C 327 -24.03 -7.01 20.56
CA VAL C 327 -24.20 -5.68 21.14
C VAL C 327 -25.70 -5.31 21.17
N ASP C 328 -26.16 -4.76 22.30
CA ASP C 328 -27.51 -4.24 22.45
C ASP C 328 -27.41 -2.81 21.90
N VAL C 329 -27.61 -2.66 20.57
CA VAL C 329 -27.48 -1.42 19.81
C VAL C 329 -28.33 -0.27 20.42
N PRO C 330 -29.66 -0.41 20.72
CA PRO C 330 -30.39 0.73 21.31
C PRO C 330 -29.80 1.22 22.64
N LYS C 331 -29.38 0.29 23.52
CA LYS C 331 -28.79 0.63 24.82
C LYS C 331 -27.43 1.32 24.69
N VAL C 332 -26.58 0.86 23.76
CA VAL C 332 -25.27 1.48 23.50
C VAL C 332 -25.43 2.90 22.90
N ILE C 333 -26.31 3.05 21.88
CA ILE C 333 -26.59 4.35 21.23
C ILE C 333 -27.14 5.37 22.25
N SER C 334 -28.09 4.93 23.11
CA SER C 334 -28.70 5.77 24.13
C SER C 334 -27.65 6.30 25.11
N PHE C 335 -26.73 5.43 25.59
CA PHE C 335 -25.65 5.79 26.51
C PHE C 335 -24.65 6.80 25.88
N ILE C 336 -24.28 6.59 24.60
CA ILE C 336 -23.32 7.47 23.89
C ILE C 336 -23.94 8.85 23.67
N LYS C 337 -25.18 8.89 23.11
CA LYS C 337 -25.92 10.14 22.87
C LYS C 337 -26.06 10.97 24.14
N LYS C 338 -26.36 10.31 25.28
CA LYS C 338 -26.52 10.93 26.60
C LYS C 338 -25.23 11.67 27.00
N LEU C 339 -24.06 11.05 26.81
CA LEU C 339 -22.78 11.67 27.15
C LEU C 339 -22.40 12.79 26.19
N LEU C 340 -22.58 12.58 24.87
CA LEU C 340 -22.26 13.58 23.84
C LEU C 340 -23.15 14.85 23.94
N MET C 341 -24.40 14.69 24.40
CA MET C 341 -25.36 15.79 24.49
C MET C 341 -25.56 16.35 25.92
N ALA C 342 -24.76 15.86 26.91
CA ALA C 342 -24.82 16.32 28.31
C ALA C 342 -24.27 17.76 28.40
N PRO C 343 -25.01 18.70 29.06
CA PRO C 343 -24.56 20.10 29.10
C PRO C 343 -23.35 20.37 30.00
N ARG D 28 -27.46 -34.91 -20.77
CA ARG D 28 -26.58 -35.18 -19.64
C ARG D 28 -25.42 -34.19 -19.58
N ASP D 29 -25.18 -33.62 -18.39
CA ASP D 29 -24.12 -32.66 -18.10
C ASP D 29 -22.82 -33.40 -17.76
N LYS D 30 -21.76 -33.14 -18.53
CA LYS D 30 -20.45 -33.78 -18.36
C LYS D 30 -19.76 -33.29 -17.08
N LEU D 31 -19.31 -34.23 -16.26
CA LEU D 31 -18.67 -33.92 -14.98
C LEU D 31 -17.40 -34.72 -14.72
N ILE D 32 -16.35 -34.04 -14.25
CA ILE D 32 -15.11 -34.64 -13.79
C ILE D 32 -15.09 -34.36 -12.28
N ILE D 33 -14.85 -35.41 -11.49
CA ILE D 33 -14.74 -35.28 -10.04
C ILE D 33 -13.27 -35.44 -9.66
N ASP D 34 -12.65 -34.35 -9.12
CA ASP D 34 -11.29 -34.35 -8.61
C ASP D 34 -11.45 -34.59 -7.10
N THR D 35 -10.92 -35.71 -6.62
CA THR D 35 -11.25 -36.20 -5.30
C THR D 35 -10.12 -36.96 -4.57
N ASP D 36 -10.23 -37.02 -3.22
CA ASP D 36 -9.30 -37.76 -2.33
C ASP D 36 -10.14 -38.79 -1.52
N PRO D 37 -10.82 -39.78 -2.17
CA PRO D 37 -11.72 -40.68 -1.39
C PRO D 37 -11.02 -41.55 -0.32
N GLY D 38 -11.36 -41.38 0.96
CA GLY D 38 -12.32 -40.40 1.49
C GLY D 38 -13.73 -40.93 1.62
N ILE D 39 -14.31 -40.85 2.84
CA ILE D 39 -15.65 -41.37 3.14
C ILE D 39 -16.76 -40.49 2.49
N ASP D 40 -16.75 -39.18 2.73
CA ASP D 40 -17.78 -38.32 2.13
C ASP D 40 -17.59 -38.18 0.61
N ASP D 41 -16.34 -38.28 0.12
CA ASP D 41 -16.01 -38.28 -1.32
C ASP D 41 -16.68 -39.48 -1.98
N SER D 42 -16.57 -40.67 -1.32
CA SER D 42 -17.11 -41.93 -1.82
C SER D 42 -18.63 -41.88 -1.92
N MET D 43 -19.31 -41.30 -0.90
CA MET D 43 -20.77 -41.10 -0.88
C MET D 43 -21.16 -40.23 -2.10
N THR D 44 -20.41 -39.14 -2.33
CA THR D 44 -20.61 -38.19 -3.43
C THR D 44 -20.46 -38.84 -4.81
N ILE D 45 -19.39 -39.62 -5.01
CA ILE D 45 -19.12 -40.34 -6.27
C ILE D 45 -20.26 -41.32 -6.57
N LEU D 46 -20.67 -42.13 -5.56
CA LEU D 46 -21.75 -43.10 -5.74
C LEU D 46 -23.08 -42.39 -6.04
N MET D 47 -23.33 -41.22 -5.42
CA MET D 47 -24.53 -40.39 -5.65
C MET D 47 -24.50 -39.89 -7.10
N ALA D 48 -23.33 -39.36 -7.53
CA ALA D 48 -23.14 -38.83 -8.88
C ALA D 48 -23.37 -39.88 -9.97
N PHE D 49 -22.95 -41.14 -9.72
CA PHE D 49 -23.17 -42.25 -10.66
C PHE D 49 -24.66 -42.58 -10.79
N ARG D 50 -25.45 -42.33 -9.73
CA ARG D 50 -26.88 -42.60 -9.68
C ARG D 50 -27.76 -41.43 -10.17
N ALA D 51 -27.17 -40.25 -10.33
CA ALA D 51 -27.84 -39.04 -10.81
C ALA D 51 -28.03 -39.14 -12.34
N PRO D 52 -29.28 -39.26 -12.85
CA PRO D 52 -29.46 -39.46 -14.30
C PRO D 52 -29.06 -38.29 -15.21
N SER D 53 -29.19 -37.06 -14.72
CA SER D 53 -28.86 -35.85 -15.49
C SER D 53 -27.34 -35.60 -15.60
N VAL D 54 -26.50 -36.44 -14.96
CA VAL D 54 -25.05 -36.28 -14.91
C VAL D 54 -24.34 -37.40 -15.65
N GLU D 55 -23.31 -37.04 -16.44
CA GLU D 55 -22.42 -37.98 -17.11
C GLU D 55 -21.01 -37.81 -16.52
N ILE D 56 -20.56 -38.78 -15.70
CA ILE D 56 -19.20 -38.72 -15.12
C ILE D 56 -18.24 -39.16 -16.21
N ILE D 57 -17.38 -38.26 -16.68
CA ILE D 57 -16.46 -38.62 -17.76
C ILE D 57 -15.08 -39.02 -17.19
N GLY D 58 -14.91 -38.86 -15.88
CA GLY D 58 -13.68 -39.25 -15.21
C GLY D 58 -13.57 -38.87 -13.76
N LEU D 59 -12.71 -39.60 -13.04
CA LEU D 59 -12.34 -39.33 -11.65
C LEU D 59 -10.85 -39.02 -11.66
N THR D 60 -10.45 -37.93 -11.04
CA THR D 60 -9.06 -37.52 -10.95
C THR D 60 -8.70 -37.51 -9.48
N THR D 61 -7.61 -38.15 -9.11
CA THR D 61 -7.31 -38.31 -7.69
C THR D 61 -6.20 -37.41 -7.17
N ILE D 62 -6.30 -37.10 -5.88
CA ILE D 62 -5.37 -36.25 -5.14
C ILE D 62 -5.25 -36.78 -3.70
N PHE D 63 -4.20 -36.37 -2.99
CA PHE D 63 -3.94 -36.72 -1.59
C PHE D 63 -4.91 -35.89 -0.71
N GLY D 64 -4.91 -36.15 0.60
CA GLY D 64 -5.70 -35.38 1.57
C GLY D 64 -6.18 -36.27 2.69
N ASN D 65 -7.30 -36.95 2.45
CA ASN D 65 -7.90 -37.88 3.40
C ASN D 65 -7.02 -39.12 3.51
N VAL D 66 -6.28 -39.41 2.44
CA VAL D 66 -5.39 -40.56 2.27
C VAL D 66 -4.32 -40.15 1.23
N ASP D 67 -3.21 -40.91 1.10
CA ASP D 67 -2.19 -40.58 0.10
C ASP D 67 -2.79 -40.77 -1.30
N THR D 68 -2.21 -40.11 -2.33
CA THR D 68 -2.74 -40.17 -3.70
C THR D 68 -2.96 -41.60 -4.19
N LYS D 69 -2.00 -42.51 -3.93
CA LYS D 69 -2.12 -43.92 -4.33
C LYS D 69 -3.32 -44.63 -3.68
N GLY D 70 -3.63 -44.27 -2.44
CA GLY D 70 -4.79 -44.80 -1.71
C GLY D 70 -6.09 -44.25 -2.29
N ALA D 71 -6.09 -42.94 -2.69
CA ALA D 71 -7.24 -42.28 -3.30
C ALA D 71 -7.57 -42.95 -4.64
N THR D 72 -6.52 -43.27 -5.43
CA THR D 72 -6.64 -43.94 -6.74
C THR D 72 -7.26 -45.32 -6.57
N ARG D 73 -6.75 -46.10 -5.61
CA ARG D 73 -7.25 -47.45 -5.30
C ARG D 73 -8.75 -47.39 -4.99
N ASN D 74 -9.15 -46.43 -4.15
CA ASN D 74 -10.55 -46.21 -3.76
C ASN D 74 -11.42 -45.75 -4.91
N ALA D 75 -10.95 -44.81 -5.76
CA ALA D 75 -11.70 -44.32 -6.91
C ALA D 75 -11.97 -45.47 -7.91
N LEU D 76 -10.94 -46.31 -8.16
CA LEU D 76 -11.05 -47.47 -9.04
C LEU D 76 -12.09 -48.46 -8.50
N LEU D 77 -12.08 -48.69 -7.17
CA LEU D 77 -13.04 -49.57 -6.50
C LEU D 77 -14.46 -49.01 -6.53
N LEU D 78 -14.63 -47.67 -6.50
CA LEU D 78 -15.94 -47.02 -6.57
C LEU D 78 -16.57 -47.17 -7.96
N CYS D 79 -15.74 -47.05 -9.03
CA CYS D 79 -16.17 -47.25 -10.41
C CYS D 79 -16.68 -48.69 -10.58
N GLU D 80 -15.95 -49.67 -10.01
CA GLU D 80 -16.33 -51.09 -10.03
C GLU D 80 -17.62 -51.34 -9.26
N ARG D 81 -17.75 -50.75 -8.06
CA ARG D 81 -18.93 -50.87 -7.22
C ARG D 81 -20.19 -50.28 -7.90
N ALA D 82 -20.03 -49.14 -8.60
CA ALA D 82 -21.12 -48.47 -9.32
C ALA D 82 -21.50 -49.16 -10.64
N GLY D 83 -20.76 -50.20 -11.00
CA GLY D 83 -20.98 -50.96 -12.23
C GLY D 83 -20.51 -50.24 -13.47
N CYS D 84 -19.54 -49.31 -13.31
CA CYS D 84 -18.95 -48.53 -14.40
C CYS D 84 -17.41 -48.62 -14.36
N PRO D 85 -16.79 -49.83 -14.49
CA PRO D 85 -15.31 -49.89 -14.41
C PRO D 85 -14.58 -49.28 -15.61
N GLU D 86 -15.33 -48.88 -16.64
CA GLU D 86 -14.81 -48.25 -17.86
C GLU D 86 -14.53 -46.76 -17.65
N VAL D 87 -15.16 -46.13 -16.61
CA VAL D 87 -14.99 -44.71 -16.27
C VAL D 87 -13.51 -44.50 -15.96
N PRO D 88 -12.82 -43.61 -16.69
CA PRO D 88 -11.38 -43.43 -16.44
C PRO D 88 -11.03 -42.83 -15.08
N VAL D 89 -9.98 -43.38 -14.44
CA VAL D 89 -9.44 -42.85 -13.18
C VAL D 89 -8.02 -42.37 -13.52
N ALA D 90 -7.77 -41.06 -13.35
CA ALA D 90 -6.47 -40.48 -13.61
C ALA D 90 -5.83 -40.06 -12.29
N GLU D 91 -4.64 -40.62 -11.98
CA GLU D 91 -3.91 -40.31 -10.76
C GLU D 91 -3.23 -38.96 -10.83
N GLY D 92 -3.42 -38.16 -9.80
CA GLY D 92 -2.83 -36.82 -9.75
C GLY D 92 -1.55 -36.73 -8.96
N SER D 93 -1.27 -35.52 -8.51
CA SER D 93 -0.07 -35.19 -7.78
C SER D 93 0.02 -35.94 -6.44
N HIS D 94 1.24 -36.39 -6.09
CA HIS D 94 1.52 -37.06 -4.84
C HIS D 94 1.87 -36.03 -3.73
N GLU D 95 2.21 -34.81 -4.13
CA GLU D 95 2.62 -33.74 -3.22
C GLU D 95 1.92 -32.41 -3.53
N PRO D 96 1.84 -31.46 -2.57
CA PRO D 96 1.29 -30.14 -2.92
C PRO D 96 2.30 -29.40 -3.81
N LEU D 97 1.88 -28.29 -4.45
CA LEU D 97 2.74 -27.50 -5.35
C LEU D 97 4.06 -27.11 -4.70
N LYS D 98 4.06 -26.76 -3.40
CA LYS D 98 5.28 -26.38 -2.65
C LYS D 98 6.19 -27.58 -2.31
N GLY D 99 5.66 -28.80 -2.42
CA GLY D 99 6.42 -30.01 -2.14
C GLY D 99 6.32 -30.47 -0.70
N GLY D 100 6.86 -31.65 -0.45
CA GLY D 100 6.84 -32.28 0.86
C GLY D 100 5.69 -33.26 0.98
N LYS D 101 5.97 -34.42 1.60
CA LYS D 101 4.99 -35.48 1.81
C LYS D 101 3.80 -34.92 2.62
N PRO D 102 2.57 -34.96 2.05
CA PRO D 102 1.42 -34.42 2.79
C PRO D 102 1.01 -35.27 3.98
N ARG D 103 0.51 -34.62 5.04
CA ARG D 103 0.01 -35.30 6.23
C ARG D 103 -1.43 -35.66 5.89
N VAL D 104 -1.81 -36.94 6.09
CA VAL D 104 -3.15 -37.40 5.69
C VAL D 104 -4.06 -37.58 6.91
N ALA D 105 -5.37 -37.31 6.69
CA ALA D 105 -6.40 -37.39 7.71
C ALA D 105 -6.90 -38.82 7.98
N ASP D 106 -5.97 -39.72 8.38
CA ASP D 106 -6.30 -41.12 8.72
C ASP D 106 -7.13 -41.23 10.02
N PHE D 107 -7.09 -40.20 10.86
CA PHE D 107 -7.84 -40.10 12.11
C PHE D 107 -9.31 -39.72 11.83
N VAL D 108 -9.62 -39.29 10.57
CA VAL D 108 -10.97 -38.91 10.13
C VAL D 108 -11.54 -39.99 9.19
N HIS D 109 -10.71 -40.46 8.22
CA HIS D 109 -11.17 -41.40 7.20
C HIS D 109 -10.60 -42.81 7.28
N GLY D 110 -9.79 -43.11 8.29
CA GLY D 110 -9.19 -44.43 8.42
C GLY D 110 -7.89 -44.54 7.65
N SER D 111 -7.12 -45.60 7.92
CA SER D 111 -5.82 -45.91 7.30
C SER D 111 -5.93 -46.17 5.79
N ASP D 112 -7.08 -46.73 5.35
CA ASP D 112 -7.35 -46.99 3.94
C ASP D 112 -8.14 -45.85 3.27
N GLY D 113 -8.50 -44.84 4.05
CA GLY D 113 -9.27 -43.70 3.59
C GLY D 113 -10.76 -43.95 3.45
N ILE D 114 -11.24 -45.17 3.69
CA ILE D 114 -12.68 -45.45 3.57
C ILE D 114 -13.27 -46.08 4.87
N GLY D 115 -12.73 -45.68 6.01
CA GLY D 115 -13.21 -46.13 7.32
C GLY D 115 -12.74 -47.49 7.79
N ASN D 116 -11.52 -47.90 7.36
CA ASN D 116 -10.86 -49.16 7.74
C ASN D 116 -11.67 -50.39 7.34
N LEU D 117 -12.08 -50.46 6.08
CA LEU D 117 -12.82 -51.60 5.57
C LEU D 117 -11.84 -52.62 4.98
N PHE D 118 -10.63 -52.18 4.56
CA PHE D 118 -9.53 -52.99 4.00
C PHE D 118 -10.06 -53.99 2.99
N LEU D 119 -10.60 -53.46 1.89
CA LEU D 119 -11.23 -54.25 0.83
C LEU D 119 -10.22 -54.76 -0.20
N PRO D 120 -10.51 -55.87 -0.93
CA PRO D 120 -9.54 -56.35 -1.94
C PRO D 120 -9.27 -55.31 -3.03
N ALA D 121 -8.08 -55.38 -3.64
CA ALA D 121 -7.61 -54.45 -4.67
C ALA D 121 -8.47 -54.46 -5.94
N PRO D 122 -8.61 -53.33 -6.66
CA PRO D 122 -9.45 -53.35 -7.88
C PRO D 122 -8.76 -54.08 -9.03
N SER D 123 -9.56 -54.57 -9.99
CA SER D 123 -9.10 -55.25 -11.20
C SER D 123 -8.81 -54.19 -12.26
N ALA D 124 -9.66 -53.14 -12.30
CA ALA D 124 -9.53 -52.02 -13.22
C ALA D 124 -8.25 -51.24 -12.86
N LYS D 125 -7.61 -50.66 -13.88
CA LYS D 125 -6.38 -49.91 -13.67
C LYS D 125 -6.58 -48.44 -14.03
N LYS D 126 -5.78 -47.56 -13.44
CA LYS D 126 -5.80 -46.13 -13.73
C LYS D 126 -5.33 -45.91 -15.18
N VAL D 127 -5.68 -44.75 -15.78
CA VAL D 127 -5.21 -44.41 -17.14
C VAL D 127 -3.74 -43.96 -17.03
N GLU D 128 -3.02 -43.88 -18.17
CA GLU D 128 -1.60 -43.52 -18.22
C GLU D 128 -1.36 -42.05 -17.85
N GLU D 129 -2.18 -41.13 -18.43
CA GLU D 129 -2.06 -39.70 -18.23
C GLU D 129 -2.35 -39.26 -16.79
N SER D 130 -1.67 -38.21 -16.35
CA SER D 130 -1.86 -37.63 -15.02
C SER D 130 -3.26 -36.96 -14.96
N ALA D 131 -3.74 -36.69 -13.75
CA ALA D 131 -5.01 -35.98 -13.52
C ALA D 131 -5.00 -34.60 -14.21
N ALA D 132 -3.88 -33.84 -14.11
CA ALA D 132 -3.74 -32.52 -14.73
C ALA D 132 -3.90 -32.60 -16.25
N ASP D 133 -3.24 -33.57 -16.90
CA ASP D 133 -3.35 -33.74 -18.35
C ASP D 133 -4.73 -34.23 -18.78
N PHE D 134 -5.37 -35.07 -17.95
CA PHE D 134 -6.73 -35.57 -18.16
C PHE D 134 -7.73 -34.38 -18.17
N LEU D 135 -7.61 -33.48 -17.17
CA LEU D 135 -8.44 -32.27 -17.03
C LEU D 135 -8.32 -31.38 -18.27
N ILE D 136 -7.08 -31.11 -18.74
CA ILE D 136 -6.85 -30.33 -19.94
C ILE D 136 -7.48 -31.03 -21.17
N ASN D 137 -7.16 -32.30 -21.37
CA ASN D 137 -7.65 -33.03 -22.54
C ASN D 137 -9.18 -33.09 -22.63
N LYS D 138 -9.87 -33.36 -21.52
CA LYS D 138 -11.33 -33.48 -21.55
C LYS D 138 -12.04 -32.14 -21.74
N VAL D 139 -11.50 -31.07 -21.14
CA VAL D 139 -12.01 -29.70 -21.25
C VAL D 139 -11.75 -29.17 -22.68
N SER D 140 -10.59 -29.53 -23.28
CA SER D 140 -10.27 -29.14 -24.67
C SER D 140 -11.14 -29.89 -25.67
N GLU D 141 -11.49 -31.14 -25.36
CA GLU D 141 -12.33 -32.01 -26.22
C GLU D 141 -13.76 -31.49 -26.30
N PHE D 142 -14.30 -31.01 -25.16
CA PHE D 142 -15.67 -30.47 -25.06
C PHE D 142 -15.65 -29.06 -24.47
N PRO D 143 -15.16 -28.02 -25.19
CA PRO D 143 -15.10 -26.67 -24.58
C PRO D 143 -16.45 -26.10 -24.16
N GLY D 144 -16.50 -25.58 -22.94
CA GLY D 144 -17.68 -24.98 -22.33
C GLY D 144 -18.73 -25.95 -21.84
N GLU D 145 -18.45 -27.26 -21.93
CA GLU D 145 -19.40 -28.31 -21.56
C GLU D 145 -19.03 -29.11 -20.30
N VAL D 146 -17.75 -29.17 -19.93
CA VAL D 146 -17.30 -29.99 -18.80
C VAL D 146 -17.22 -29.19 -17.52
N SER D 147 -17.93 -29.69 -16.48
CA SER D 147 -17.88 -29.11 -15.17
C SER D 147 -16.92 -29.93 -14.32
N VAL D 148 -16.23 -29.27 -13.40
CA VAL D 148 -15.30 -29.93 -12.51
C VAL D 148 -15.79 -29.75 -11.07
N LEU D 149 -15.97 -30.88 -10.38
CA LEU D 149 -16.33 -30.88 -8.97
C LEU D 149 -15.06 -31.25 -8.19
N ALA D 150 -14.50 -30.26 -7.48
CA ALA D 150 -13.26 -30.40 -6.70
C ALA D 150 -13.57 -30.71 -5.24
N LEU D 151 -13.28 -31.93 -4.82
CA LEU D 151 -13.55 -32.47 -3.48
C LEU D 151 -12.33 -32.63 -2.60
N GLY D 152 -11.16 -32.28 -3.09
CA GLY D 152 -9.93 -32.38 -2.30
C GLY D 152 -9.05 -31.18 -2.49
N PRO D 153 -7.77 -31.23 -2.04
CA PRO D 153 -6.81 -30.14 -2.34
C PRO D 153 -6.81 -29.85 -3.85
N LEU D 154 -6.58 -28.59 -4.22
CA LEU D 154 -6.75 -28.14 -5.59
C LEU D 154 -5.53 -28.27 -6.51
N THR D 155 -4.52 -29.06 -6.10
CA THR D 155 -3.25 -29.27 -6.84
C THR D 155 -3.42 -29.58 -8.35
N ASN D 156 -4.21 -30.63 -8.69
CA ASN D 156 -4.43 -31.02 -10.09
C ASN D 156 -5.10 -29.93 -10.92
N VAL D 157 -6.08 -29.22 -10.33
CA VAL D 157 -6.82 -28.12 -10.96
C VAL D 157 -5.87 -26.95 -11.22
N ALA D 158 -5.02 -26.60 -10.24
CA ALA D 158 -4.03 -25.53 -10.42
C ALA D 158 -2.99 -25.90 -11.47
N LEU D 159 -2.55 -27.19 -11.49
CA LEU D 159 -1.58 -27.66 -12.47
C LEU D 159 -2.17 -27.51 -13.88
N ALA D 160 -3.46 -27.87 -14.07
CA ALA D 160 -4.17 -27.72 -15.33
C ALA D 160 -4.27 -26.24 -15.73
N ILE D 161 -4.60 -25.36 -14.78
CA ILE D 161 -4.66 -23.90 -15.03
C ILE D 161 -3.28 -23.34 -15.46
N LYS D 162 -2.18 -23.73 -14.76
CA LYS D 162 -0.83 -23.24 -15.08
C LYS D 162 -0.33 -23.78 -16.44
N ARG D 163 -0.51 -25.10 -16.70
CA ARG D 163 -0.06 -25.79 -17.90
C ARG D 163 -0.78 -25.36 -19.18
N ASP D 164 -2.10 -25.15 -19.11
CA ASP D 164 -2.92 -24.76 -20.26
C ASP D 164 -3.56 -23.39 -19.98
N PRO D 165 -3.09 -22.31 -20.65
CA PRO D 165 -3.66 -20.96 -20.41
C PRO D 165 -5.13 -20.77 -20.81
N SER D 166 -5.66 -21.66 -21.63
CA SER D 166 -7.06 -21.58 -22.05
C SER D 166 -7.99 -22.41 -21.16
N PHE D 167 -7.43 -23.24 -20.25
CA PHE D 167 -8.24 -24.14 -19.40
C PHE D 167 -9.35 -23.42 -18.64
N ALA D 168 -8.99 -22.35 -17.90
CA ALA D 168 -9.90 -21.52 -17.10
C ALA D 168 -11.07 -20.96 -17.91
N SER D 169 -10.85 -20.55 -19.18
CA SER D 169 -11.92 -20.03 -20.04
C SER D 169 -12.83 -21.14 -20.62
N LYS D 170 -12.27 -22.34 -20.92
CA LYS D 170 -12.99 -23.47 -21.53
C LYS D 170 -13.73 -24.40 -20.55
N VAL D 171 -13.41 -24.36 -19.25
CA VAL D 171 -14.13 -25.19 -18.26
C VAL D 171 -15.53 -24.58 -18.03
N LYS D 172 -16.60 -25.40 -18.05
CA LYS D 172 -17.96 -24.86 -17.88
C LYS D 172 -18.08 -24.20 -16.50
N LYS D 173 -17.75 -24.94 -15.44
CA LYS D 173 -17.82 -24.48 -14.05
C LYS D 173 -16.92 -25.32 -13.19
N ILE D 174 -16.36 -24.71 -12.14
CA ILE D 174 -15.59 -25.41 -11.14
C ILE D 174 -16.34 -25.21 -9.80
N VAL D 175 -16.87 -26.30 -9.24
CA VAL D 175 -17.53 -26.24 -7.93
C VAL D 175 -16.50 -26.81 -6.96
N VAL D 176 -16.07 -25.95 -6.03
CA VAL D 176 -15.05 -26.25 -5.04
C VAL D 176 -15.61 -26.50 -3.65
N LEU D 177 -15.36 -27.71 -3.10
CA LEU D 177 -15.67 -27.96 -1.70
C LEU D 177 -14.36 -27.55 -0.97
N GLY D 178 -14.42 -26.43 -0.26
CA GLY D 178 -13.24 -25.96 0.45
C GLY D 178 -13.40 -24.59 1.05
N GLY D 179 -12.53 -24.28 2.00
CA GLY D 179 -12.50 -22.99 2.67
C GLY D 179 -13.44 -22.88 3.85
N ALA D 180 -13.33 -21.76 4.56
CA ALA D 180 -14.16 -21.41 5.70
C ALA D 180 -14.25 -19.88 5.62
N PHE D 181 -15.44 -19.39 5.28
CA PHE D 181 -15.66 -17.96 5.05
C PHE D 181 -16.36 -17.38 6.25
N PHE D 182 -15.63 -16.52 6.99
CA PHE D 182 -16.06 -15.88 8.25
C PHE D 182 -16.53 -16.94 9.26
N ALA D 183 -15.78 -18.04 9.36
CA ALA D 183 -16.00 -19.19 10.25
C ALA D 183 -14.65 -19.89 10.51
N ALA D 184 -14.61 -20.68 11.59
CA ALA D 184 -13.42 -21.45 11.99
C ALA D 184 -13.16 -22.57 10.99
N GLY D 185 -11.89 -22.90 10.81
CA GLY D 185 -11.51 -24.02 9.94
C GLY D 185 -11.60 -25.33 10.68
N ASN D 186 -11.26 -26.44 10.01
CA ASN D 186 -11.32 -27.76 10.65
C ASN D 186 -9.94 -28.34 10.91
N VAL D 187 -8.89 -27.82 10.27
CA VAL D 187 -7.52 -28.28 10.52
C VAL D 187 -7.06 -27.59 11.81
N ASN D 188 -7.36 -26.30 11.90
CA ASN D 188 -7.02 -25.44 13.02
C ASN D 188 -8.02 -24.24 12.91
N PRO D 189 -8.05 -23.27 13.84
CA PRO D 189 -9.01 -22.15 13.70
C PRO D 189 -9.00 -21.40 12.37
N ALA D 190 -7.85 -21.33 11.70
CA ALA D 190 -7.67 -20.59 10.46
C ALA D 190 -8.07 -21.28 9.18
N ALA D 191 -7.83 -22.60 9.10
CA ALA D 191 -7.97 -23.26 7.80
C ALA D 191 -8.80 -24.52 7.72
N GLU D 192 -9.45 -24.69 6.56
CA GLU D 192 -10.19 -25.89 6.15
C GLU D 192 -9.18 -26.84 5.46
N ALA D 193 -9.34 -28.17 5.66
CA ALA D 193 -8.44 -29.24 5.17
C ALA D 193 -8.03 -29.17 3.68
N ASN D 194 -8.99 -29.09 2.73
CA ASN D 194 -8.68 -29.05 1.29
C ASN D 194 -7.79 -27.87 0.93
N ILE D 195 -8.09 -26.69 1.47
CA ILE D 195 -7.28 -25.50 1.19
C ILE D 195 -5.92 -25.63 1.88
N HIS D 196 -5.89 -26.04 3.16
CA HIS D 196 -4.66 -26.19 3.92
C HIS D 196 -3.70 -27.22 3.27
N GLY D 197 -4.28 -28.20 2.58
CA GLY D 197 -3.54 -29.24 1.87
C GLY D 197 -2.69 -28.70 0.75
N ASP D 198 -3.16 -27.58 0.11
CA ASP D 198 -2.40 -26.90 -0.93
C ASP D 198 -2.87 -25.46 -1.09
N PRO D 199 -2.37 -24.54 -0.23
CA PRO D 199 -2.84 -23.14 -0.28
C PRO D 199 -2.51 -22.44 -1.60
N GLU D 200 -1.28 -22.66 -2.15
CA GLU D 200 -0.83 -22.10 -3.42
C GLU D 200 -1.76 -22.54 -4.55
N ALA D 201 -2.15 -23.81 -4.61
CA ALA D 201 -3.05 -24.32 -5.65
C ALA D 201 -4.40 -23.69 -5.54
N ALA D 202 -4.93 -23.55 -4.29
CA ALA D 202 -6.22 -22.91 -4.06
C ALA D 202 -6.21 -21.47 -4.56
N ASP D 203 -5.12 -20.76 -4.25
CA ASP D 203 -5.00 -19.37 -4.66
C ASP D 203 -4.92 -19.21 -6.20
N ILE D 204 -4.25 -20.15 -6.87
CA ILE D 204 -4.19 -20.14 -8.35
C ILE D 204 -5.62 -20.34 -8.91
N VAL D 205 -6.38 -21.29 -8.34
CA VAL D 205 -7.76 -21.56 -8.78
C VAL D 205 -8.67 -20.32 -8.58
N PHE D 206 -8.65 -19.73 -7.39
CA PHE D 206 -9.54 -18.61 -7.06
C PHE D 206 -9.27 -17.32 -7.86
N THR D 207 -8.04 -17.13 -8.37
CA THR D 207 -7.66 -15.97 -9.21
C THR D 207 -7.50 -16.34 -10.69
N SER D 208 -7.98 -17.52 -11.10
CA SER D 208 -7.85 -17.98 -12.48
C SER D 208 -8.77 -17.29 -13.50
N GLY D 209 -9.90 -16.75 -13.06
CA GLY D 209 -10.87 -16.15 -13.97
C GLY D 209 -11.91 -17.14 -14.44
N ALA D 210 -11.86 -18.40 -13.95
CA ALA D 210 -12.83 -19.47 -14.28
C ALA D 210 -14.17 -19.21 -13.58
N ASP D 211 -15.29 -19.80 -14.08
CA ASP D 211 -16.60 -19.68 -13.44
C ASP D 211 -16.54 -20.66 -12.24
N ILE D 212 -16.37 -20.12 -11.04
CA ILE D 212 -16.17 -20.88 -9.81
C ILE D 212 -17.25 -20.64 -8.76
N VAL D 213 -17.64 -21.72 -8.09
CA VAL D 213 -18.56 -21.73 -6.95
C VAL D 213 -17.78 -22.36 -5.80
N VAL D 214 -17.67 -21.70 -4.63
CA VAL D 214 -16.97 -22.25 -3.47
C VAL D 214 -17.99 -22.54 -2.36
N VAL D 215 -17.97 -23.78 -1.84
CA VAL D 215 -18.83 -24.23 -0.74
C VAL D 215 -17.91 -24.44 0.47
N GLY D 216 -17.97 -23.50 1.41
CA GLY D 216 -17.14 -23.53 2.60
C GLY D 216 -17.74 -24.30 3.76
N ILE D 217 -16.92 -24.48 4.83
CA ILE D 217 -17.27 -25.12 6.12
C ILE D 217 -18.47 -24.38 6.76
N ASN D 218 -18.57 -23.04 6.58
CA ASN D 218 -19.65 -22.16 7.04
C ASN D 218 -21.02 -22.69 6.56
N ILE D 219 -21.04 -23.38 5.40
CA ILE D 219 -22.23 -23.98 4.82
C ILE D 219 -22.42 -25.43 5.25
N THR D 220 -21.39 -26.27 5.06
CA THR D 220 -21.46 -27.71 5.28
C THR D 220 -21.72 -28.13 6.72
N THR D 221 -21.31 -27.33 7.73
CA THR D 221 -21.60 -27.67 9.13
C THR D 221 -23.11 -27.55 9.45
N GLN D 222 -23.87 -26.85 8.59
CA GLN D 222 -25.32 -26.69 8.71
C GLN D 222 -26.10 -27.93 8.21
N VAL D 223 -25.46 -28.80 7.39
CA VAL D 223 -26.09 -29.97 6.77
C VAL D 223 -25.55 -31.26 7.38
N CYS D 224 -26.40 -31.96 8.14
CA CYS D 224 -26.04 -33.15 8.89
C CYS D 224 -26.93 -34.36 8.66
N LEU D 225 -26.35 -35.55 8.91
CA LEU D 225 -27.06 -36.82 8.97
C LEU D 225 -26.84 -37.27 10.41
N THR D 226 -27.91 -37.31 11.19
CA THR D 226 -27.85 -37.74 12.59
C THR D 226 -27.66 -39.27 12.64
N ASP D 227 -27.41 -39.84 13.84
CA ASP D 227 -27.32 -41.29 14.04
C ASP D 227 -28.62 -41.97 13.57
N GLU D 228 -29.78 -41.31 13.80
CA GLU D 228 -31.11 -41.76 13.38
C GLU D 228 -31.16 -41.83 11.83
N ASP D 229 -30.68 -40.75 11.14
CA ASP D 229 -30.60 -40.67 9.68
C ASP D 229 -29.72 -41.79 9.09
N LEU D 230 -28.59 -42.09 9.76
CA LEU D 230 -27.65 -43.14 9.35
C LEU D 230 -28.28 -44.53 9.45
N LEU D 231 -29.10 -44.75 10.51
CA LEU D 231 -29.82 -46.01 10.73
C LEU D 231 -30.91 -46.18 9.65
N GLU D 232 -31.58 -45.05 9.28
CA GLU D 232 -32.60 -44.99 8.22
C GLU D 232 -31.96 -45.43 6.88
N LEU D 233 -30.69 -44.99 6.63
CA LEU D 233 -29.93 -45.38 5.44
C LEU D 233 -29.61 -46.89 5.49
N ARG D 234 -29.12 -47.40 6.65
CA ARG D 234 -28.81 -48.83 6.83
C ARG D 234 -30.03 -49.70 6.54
N ASN D 235 -31.21 -49.28 7.02
CA ASN D 235 -32.48 -50.00 6.87
C ASN D 235 -33.19 -49.74 5.54
N SER D 236 -32.65 -48.86 4.69
CA SER D 236 -33.24 -48.51 3.39
C SER D 236 -32.99 -49.57 2.30
N LYS D 237 -33.58 -49.34 1.11
CA LYS D 237 -33.42 -50.21 -0.06
C LYS D 237 -32.36 -49.67 -1.02
N GLY D 238 -31.53 -48.74 -0.53
CA GLY D 238 -30.46 -48.12 -1.29
C GLY D 238 -29.47 -49.13 -1.85
N LYS D 239 -29.08 -48.95 -3.12
CA LYS D 239 -28.14 -49.81 -3.85
C LYS D 239 -26.83 -50.02 -3.10
N HIS D 240 -26.28 -48.94 -2.50
CA HIS D 240 -25.02 -48.98 -1.76
C HIS D 240 -25.20 -48.73 -0.26
N ALA D 241 -26.45 -48.83 0.25
CA ALA D 241 -26.81 -48.60 1.66
C ALA D 241 -25.89 -49.29 2.67
N ALA D 242 -25.63 -50.61 2.51
CA ALA D 242 -24.77 -51.39 3.42
C ALA D 242 -23.32 -50.88 3.43
N PHE D 243 -22.76 -50.60 2.24
CA PHE D 243 -21.39 -50.09 2.09
C PHE D 243 -21.27 -48.68 2.67
N LEU D 244 -22.24 -47.81 2.37
CA LEU D 244 -22.27 -46.42 2.85
C LEU D 244 -22.35 -46.39 4.38
N TYR D 245 -23.20 -47.23 4.98
CA TYR D 245 -23.33 -47.32 6.44
C TYR D 245 -22.02 -47.81 7.10
N GLU D 246 -21.39 -48.85 6.51
CA GLU D 246 -20.13 -49.40 7.00
C GLU D 246 -18.98 -48.40 7.01
N MET D 247 -18.85 -47.58 5.94
CA MET D 247 -17.82 -46.54 5.84
C MET D 247 -18.05 -45.46 6.89
N CYS D 248 -19.32 -45.06 7.06
CA CYS D 248 -19.73 -43.97 7.94
C CYS D 248 -19.52 -44.23 9.44
N LYS D 249 -19.36 -45.49 9.87
CA LYS D 249 -19.12 -45.81 11.29
C LYS D 249 -17.90 -45.06 11.84
N PHE D 250 -16.75 -45.17 11.15
CA PHE D 250 -15.49 -44.52 11.52
C PHE D 250 -15.62 -42.98 11.46
N TYR D 251 -16.23 -42.47 10.36
CA TYR D 251 -16.46 -41.06 10.08
C TYR D 251 -17.29 -40.41 11.18
N ARG D 252 -18.40 -41.08 11.58
CA ARG D 252 -19.30 -40.66 12.66
C ARG D 252 -18.57 -40.60 14.02
N ASP D 253 -17.69 -41.61 14.30
CA ASP D 253 -16.90 -41.67 15.53
C ASP D 253 -15.97 -40.46 15.66
N TRP D 254 -15.39 -39.98 14.54
CA TRP D 254 -14.55 -38.77 14.54
C TRP D 254 -15.38 -37.53 14.88
N HIS D 255 -16.57 -37.38 14.27
CA HIS D 255 -17.46 -36.24 14.53
C HIS D 255 -17.87 -36.19 16.01
N ALA D 256 -18.15 -37.36 16.61
CA ALA D 256 -18.52 -37.48 18.03
C ALA D 256 -17.34 -37.10 18.94
N LYS D 257 -16.11 -37.55 18.60
CA LYS D 257 -14.89 -37.28 19.36
C LYS D 257 -14.42 -35.83 19.28
N SER D 258 -14.40 -35.27 18.06
CA SER D 258 -13.89 -33.92 17.82
C SER D 258 -14.90 -32.79 17.89
N ASP D 259 -16.00 -32.90 17.14
CA ASP D 259 -17.03 -31.87 17.08
C ASP D 259 -18.10 -32.04 18.16
N GLY D 260 -18.18 -33.23 18.73
CA GLY D 260 -19.20 -33.58 19.72
C GLY D 260 -20.54 -33.82 19.06
N PHE D 261 -20.56 -34.08 17.74
CA PHE D 261 -21.78 -34.32 17.01
C PHE D 261 -22.05 -35.82 16.79
N HIS D 262 -23.27 -36.28 17.19
CA HIS D 262 -23.70 -37.67 17.04
C HIS D 262 -24.32 -37.89 15.65
N GLY D 263 -23.44 -38.08 14.70
CA GLY D 263 -23.75 -38.26 13.29
C GLY D 263 -22.59 -37.78 12.45
N ILE D 264 -22.87 -37.31 11.24
CA ILE D 264 -21.84 -36.82 10.33
C ILE D 264 -22.25 -35.51 9.67
N PHE D 265 -21.26 -34.67 9.33
CA PHE D 265 -21.54 -33.49 8.53
C PHE D 265 -21.46 -34.00 7.09
N LEU D 266 -22.25 -33.41 6.20
CA LEU D 266 -22.24 -33.76 4.79
C LEU D 266 -21.51 -32.60 4.14
N HIS D 267 -20.29 -32.85 3.64
CA HIS D 267 -19.50 -31.79 3.03
C HIS D 267 -19.42 -32.01 1.52
N ASP D 268 -18.76 -33.08 1.06
CA ASP D 268 -18.66 -33.37 -0.36
C ASP D 268 -20.08 -33.59 -1.00
N PRO D 269 -21.06 -34.28 -0.34
CA PRO D 269 -22.40 -34.38 -0.95
C PRO D 269 -23.11 -33.02 -1.07
N VAL D 270 -22.83 -32.04 -0.17
CA VAL D 270 -23.40 -30.69 -0.26
C VAL D 270 -22.87 -29.95 -1.50
N SER D 271 -21.58 -30.11 -1.82
CA SER D 271 -21.01 -29.47 -3.02
C SER D 271 -21.57 -30.08 -4.30
N PHE D 272 -21.88 -31.39 -4.27
CA PHE D 272 -22.51 -32.05 -5.42
C PHE D 272 -23.93 -31.50 -5.60
N THR D 273 -24.65 -31.25 -4.47
CA THR D 273 -25.99 -30.66 -4.47
C THR D 273 -25.92 -29.28 -5.13
N ALA D 274 -24.85 -28.50 -4.87
CA ALA D 274 -24.64 -27.17 -5.46
C ALA D 274 -24.44 -27.22 -6.98
N VAL D 275 -23.94 -28.35 -7.52
CA VAL D 275 -23.75 -28.54 -8.97
C VAL D 275 -25.16 -28.67 -9.63
N LEU D 276 -26.00 -29.57 -9.11
CA LEU D 276 -27.32 -29.92 -9.66
C LEU D 276 -28.45 -29.00 -9.25
N HIS D 277 -28.42 -28.53 -7.99
CA HIS D 277 -29.45 -27.65 -7.45
C HIS D 277 -28.87 -26.38 -6.82
N PRO D 278 -28.24 -25.47 -7.61
CA PRO D 278 -27.75 -24.21 -7.01
C PRO D 278 -28.87 -23.33 -6.41
N GLU D 279 -30.14 -23.59 -6.78
CA GLU D 279 -31.31 -22.88 -6.25
C GLU D 279 -31.60 -23.21 -4.75
N TYR D 280 -30.97 -24.27 -4.22
CA TYR D 280 -31.08 -24.67 -2.80
C TYR D 280 -30.14 -23.82 -1.91
N PHE D 281 -29.44 -22.85 -2.53
CA PHE D 281 -28.47 -21.99 -1.86
C PHE D 281 -28.61 -20.57 -2.32
N THR D 282 -28.00 -19.64 -1.56
CA THR D 282 -27.85 -18.26 -1.97
C THR D 282 -26.33 -18.08 -2.01
N PHE D 283 -25.87 -17.21 -2.90
CA PHE D 283 -24.45 -16.97 -3.09
C PHE D 283 -24.15 -15.50 -3.03
N LYS D 284 -22.91 -15.18 -2.68
CA LYS D 284 -22.42 -13.81 -2.71
C LYS D 284 -21.20 -13.84 -3.63
N LYS D 285 -21.08 -12.83 -4.49
CA LYS D 285 -19.96 -12.73 -5.41
C LYS D 285 -18.87 -11.91 -4.71
N GLY D 286 -17.62 -12.35 -4.81
CA GLY D 286 -16.51 -11.64 -4.21
C GLY D 286 -15.18 -12.28 -4.55
N VAL D 287 -14.11 -11.48 -4.56
CA VAL D 287 -12.76 -11.98 -4.81
C VAL D 287 -12.31 -12.80 -3.60
N VAL D 288 -11.74 -13.99 -3.85
CA VAL D 288 -11.20 -14.87 -2.80
C VAL D 288 -9.69 -14.99 -2.95
N ARG D 289 -8.96 -14.67 -1.88
CA ARG D 289 -7.53 -14.90 -1.79
C ARG D 289 -7.29 -15.92 -0.68
N VAL D 290 -6.19 -16.68 -0.82
CA VAL D 290 -5.80 -17.69 0.15
C VAL D 290 -4.48 -17.27 0.74
N GLU D 291 -4.37 -17.32 2.09
CA GLU D 291 -3.11 -17.05 2.82
C GLU D 291 -2.23 -18.32 2.64
N THR D 292 -0.98 -18.14 2.24
CA THR D 292 -0.06 -19.23 1.96
C THR D 292 1.07 -19.38 2.97
N GLN D 293 1.22 -18.42 3.88
CA GLN D 293 2.29 -18.46 4.87
C GLN D 293 1.80 -18.03 6.25
N GLY D 294 2.63 -18.23 7.28
CA GLY D 294 2.34 -17.87 8.64
C GLY D 294 1.29 -18.71 9.35
N ILE D 295 0.85 -18.22 10.52
CA ILE D 295 -0.14 -18.92 11.36
C ILE D 295 -1.49 -19.09 10.65
N CYS D 296 -1.81 -18.22 9.68
CA CYS D 296 -3.07 -18.31 8.95
C CYS D 296 -2.96 -19.02 7.59
N THR D 297 -1.87 -19.79 7.36
CA THR D 297 -1.71 -20.58 6.13
C THR D 297 -3.02 -21.39 5.91
N GLY D 298 -3.56 -21.30 4.70
CA GLY D 298 -4.76 -22.02 4.28
C GLY D 298 -6.05 -21.26 4.52
N HIS D 299 -5.97 -20.06 5.12
CA HIS D 299 -7.15 -19.22 5.38
C HIS D 299 -7.73 -18.66 4.09
N THR D 300 -9.07 -18.83 3.90
CA THR D 300 -9.78 -18.30 2.72
C THR D 300 -10.52 -17.04 3.14
N LEU D 301 -10.28 -15.98 2.38
CA LEU D 301 -10.85 -14.67 2.63
C LEU D 301 -11.48 -14.05 1.39
N MET D 302 -12.74 -13.70 1.49
CA MET D 302 -13.52 -13.15 0.42
C MET D 302 -13.77 -11.65 0.64
N ASP D 303 -13.61 -10.86 -0.44
CA ASP D 303 -13.92 -9.43 -0.42
C ASP D 303 -15.22 -9.29 -1.16
N GLN D 304 -16.28 -8.98 -0.42
CA GLN D 304 -17.62 -8.73 -0.97
C GLN D 304 -17.64 -7.52 -1.91
N GLY D 305 -16.66 -6.64 -1.80
CA GLY D 305 -16.53 -5.44 -2.63
C GLY D 305 -17.51 -4.34 -2.29
N LEU D 306 -18.04 -4.36 -1.05
CA LEU D 306 -19.03 -3.36 -0.62
C LEU D 306 -18.37 -2.08 -0.11
N LYS D 307 -17.07 -2.13 0.20
CA LYS D 307 -16.29 -1.01 0.72
C LYS D 307 -15.23 -0.61 -0.32
N LYS D 308 -15.17 0.70 -0.64
CA LYS D 308 -14.20 1.27 -1.55
C LYS D 308 -12.90 1.48 -0.76
N TRP D 309 -11.88 0.67 -1.04
CA TRP D 309 -10.60 0.77 -0.34
C TRP D 309 -9.82 2.01 -0.74
N ASN D 310 -9.07 2.61 0.20
CA ASN D 310 -8.30 3.81 -0.11
C ASN D 310 -7.10 3.50 -1.02
N SER D 311 -6.53 2.29 -0.87
CA SER D 311 -5.41 1.85 -1.69
C SER D 311 -5.62 0.39 -2.10
N GLU D 312 -4.89 -0.05 -3.14
CA GLU D 312 -5.02 -1.39 -3.69
C GLU D 312 -4.52 -2.47 -2.74
N ASN D 313 -5.00 -3.69 -2.93
CA ASN D 313 -4.63 -4.79 -2.02
C ASN D 313 -4.75 -6.09 -2.77
N PRO D 314 -4.36 -7.29 -2.19
CA PRO D 314 -4.47 -8.55 -2.94
C PRO D 314 -5.84 -8.94 -3.45
N TRP D 315 -6.92 -8.33 -2.93
CA TRP D 315 -8.27 -8.67 -3.42
C TRP D 315 -8.69 -7.73 -4.58
N SER D 316 -7.89 -6.70 -4.85
CA SER D 316 -8.19 -5.73 -5.92
C SER D 316 -8.09 -6.30 -7.34
N GLY D 317 -9.01 -5.86 -8.19
CA GLY D 317 -9.00 -6.11 -9.63
C GLY D 317 -9.33 -7.50 -10.14
N TYR D 318 -9.35 -8.53 -9.26
CA TYR D 318 -9.67 -9.88 -9.71
C TYR D 318 -11.14 -10.05 -10.06
N LYS D 319 -11.43 -11.06 -10.89
CA LYS D 319 -12.78 -11.42 -11.27
C LYS D 319 -13.39 -12.08 -10.02
N PRO D 320 -14.57 -11.63 -9.55
CA PRO D 320 -15.17 -12.26 -8.37
C PRO D 320 -15.64 -13.68 -8.66
N ILE D 321 -15.72 -14.51 -7.61
CA ILE D 321 -16.23 -15.88 -7.72
C ILE D 321 -17.50 -16.00 -6.85
N SER D 322 -18.30 -17.07 -7.02
CA SER D 322 -19.54 -17.31 -6.27
C SER D 322 -19.25 -18.06 -4.96
N VAL D 323 -19.58 -17.45 -3.81
CA VAL D 323 -19.36 -18.08 -2.51
C VAL D 323 -20.72 -18.43 -1.92
N ALA D 324 -20.99 -19.74 -1.65
CA ALA D 324 -22.25 -20.15 -1.04
C ALA D 324 -22.38 -19.47 0.34
N TRP D 325 -23.50 -18.75 0.53
CA TRP D 325 -23.74 -17.91 1.70
C TRP D 325 -24.77 -18.47 2.65
N THR D 326 -25.87 -19.03 2.10
CA THR D 326 -26.92 -19.69 2.86
C THR D 326 -27.28 -20.99 2.16
N VAL D 327 -27.91 -21.90 2.91
CA VAL D 327 -28.32 -23.22 2.42
C VAL D 327 -29.72 -23.55 2.94
N ASP D 328 -30.58 -24.08 2.05
CA ASP D 328 -31.92 -24.57 2.40
C ASP D 328 -31.66 -26.00 2.86
N VAL D 329 -31.39 -26.16 4.17
CA VAL D 329 -31.03 -27.42 4.82
C VAL D 329 -32.07 -28.54 4.55
N PRO D 330 -33.42 -28.36 4.74
CA PRO D 330 -34.34 -29.47 4.45
C PRO D 330 -34.29 -29.95 3.00
N LYS D 331 -34.20 -29.01 2.03
CA LYS D 331 -34.14 -29.33 0.60
C LYS D 331 -32.85 -30.07 0.23
N VAL D 332 -31.69 -29.66 0.79
CA VAL D 332 -30.40 -30.30 0.54
C VAL D 332 -30.39 -31.73 1.14
N ILE D 333 -30.83 -31.89 2.40
CA ILE D 333 -30.91 -33.20 3.08
C ILE D 333 -31.84 -34.16 2.31
N SER D 334 -33.01 -33.68 1.86
CA SER D 334 -33.97 -34.47 1.10
C SER D 334 -33.36 -35.00 -0.20
N PHE D 335 -32.65 -34.15 -0.95
CA PHE D 335 -31.98 -34.52 -2.20
C PHE D 335 -30.86 -35.57 -1.99
N ILE D 336 -30.05 -35.41 -0.93
CA ILE D 336 -28.94 -36.33 -0.62
C ILE D 336 -29.51 -37.69 -0.23
N LYS D 337 -30.47 -37.72 0.72
CA LYS D 337 -31.13 -38.94 1.17
C LYS D 337 -31.76 -39.72 0.01
N LYS D 338 -32.41 -39.02 -0.94
CA LYS D 338 -33.04 -39.59 -2.13
C LYS D 338 -32.01 -40.37 -2.99
N LEU D 339 -30.82 -39.79 -3.20
CA LEU D 339 -29.77 -40.45 -3.97
C LEU D 339 -29.11 -41.60 -3.22
N LEU D 340 -28.82 -41.42 -1.92
CA LEU D 340 -28.21 -42.46 -1.07
C LEU D 340 -29.14 -43.67 -0.88
N MET D 341 -30.47 -43.47 -0.88
CA MET D 341 -31.45 -44.53 -0.64
C MET D 341 -32.15 -45.05 -1.91
N ALA D 342 -31.72 -44.58 -3.11
CA ALA D 342 -32.28 -45.00 -4.40
C ALA D 342 -31.87 -46.47 -4.68
N PRO D 343 -32.81 -47.37 -5.04
CA PRO D 343 -32.45 -48.79 -5.25
C PRO D 343 -31.63 -49.09 -6.51
#